data_7W71
#
_entry.id   7W71
#
_cell.length_a   58.099
_cell.length_b   77.271
_cell.length_c   283.633
_cell.angle_alpha   90.000
_cell.angle_beta   90.000
_cell.angle_gamma   90.000
#
_symmetry.space_group_name_H-M   'P 21 21 21'
#
loop_
_entity.id
_entity.type
_entity.pdbx_description
1 polymer 'Regulator of sigma-E protease RseP'
2 polymer 'Heavy chain of Fab'
3 polymer 'Light chain of Fab'
#
loop_
_entity_poly.entity_id
_entity_poly.type
_entity_poly.pdbx_seq_one_letter_code
_entity_poly.pdbx_strand_id
1 'polypeptide(L)'
;GSGPQIEPVLENVQPNSAASKAGLQAGDRIVKVDGQPLTQWVTFVMLVRDNPGKSLALEIERQGSPLSLTLIPESKPGNG
KAIGFVGIEPKVI
;
B,A
2 'polypeptide(L)'
;QVQLQQSRAELARPGASVKMSCKASGYTFTTYTMQWVKQRPGQALEWIGYINPGSGYAKNNQKFKDKATLTADKSSSTAY
MQLSSLTSDDSAVYYCARSGSFFDYWGQGTTLTVSSAKTTPPSVYPLAPGSAAQTNSMVTLGCLVKGYFPEPVTVTWNSG
SLSSGVHTFPAVLQSDLYTLSSSVTVPSSTWPSETVTCNVAHPASSTKVDKKIVPRDC
;
H,I
3 'polypeptide(L)'
;DIVLTQSPAILSVTPGDSVSLSCRASQSVSSNLHWYQQRSHESPRLLITYAFQSISGIPSRFSGNGSGTDFTLNINSVET
EDFGMYFCQQSNSWPYTFGGGTKLEIKRADAAPTVSIFPPSSEQLTSGGASVVCFLNNFYPKDINVKWKIDGSERQNGVL
NSWTDQDSKDSTYSMSSTLTLTKDEYERHNSYTCEATHKTSTSPIVKSFNRNEC
;
L,M
#
# COMPACT_ATOMS: atom_id res chain seq x y z
N ILE A 6 -4.64 59.42 49.05
CA ILE A 6 -4.31 59.51 47.63
C ILE A 6 -4.78 58.26 46.90
N GLU A 7 -5.45 58.45 45.77
CA GLU A 7 -6.00 57.34 45.01
C GLU A 7 -4.87 56.61 44.27
N PRO A 8 -4.66 55.31 44.52
CA PRO A 8 -3.53 54.62 43.90
C PRO A 8 -3.74 54.32 42.42
N VAL A 9 -3.92 55.37 41.61
CA VAL A 9 -4.11 55.23 40.18
C VAL A 9 -2.96 55.93 39.46
N LEU A 10 -2.61 55.42 38.29
CA LEU A 10 -1.54 55.99 37.47
C LEU A 10 -2.13 56.90 36.39
N GLU A 11 -1.36 57.90 35.99
CA GLU A 11 -1.77 58.83 34.94
C GLU A 11 -1.08 58.55 33.62
N ASN A 12 0.21 58.25 33.65
CA ASN A 12 0.97 57.93 32.45
C ASN A 12 2.20 57.13 32.85
N VAL A 13 2.74 56.40 31.87
CA VAL A 13 3.94 55.61 32.05
C VAL A 13 4.97 56.07 31.03
N GLN A 14 6.17 56.42 31.51
CA GLN A 14 7.21 56.88 30.60
C GLN A 14 7.63 55.75 29.68
N PRO A 15 7.85 56.03 28.39
CA PRO A 15 8.22 54.96 27.46
C PRO A 15 9.63 54.45 27.71
N ASN A 16 9.83 53.17 27.38
CA ASN A 16 11.12 52.50 27.54
C ASN A 16 11.64 52.56 28.97
N SER A 17 10.72 52.59 29.94
CA SER A 17 11.07 52.64 31.35
C SER A 17 10.76 51.29 31.99
N ALA A 18 10.76 51.26 33.33
CA ALA A 18 10.51 50.01 34.05
C ALA A 18 9.05 49.62 33.98
N ALA A 19 8.14 50.58 34.21
CA ALA A 19 6.72 50.29 34.14
C ALA A 19 6.25 49.99 32.72
N SER A 20 7.06 50.33 31.71
CA SER A 20 6.72 49.99 30.34
C SER A 20 6.98 48.52 30.05
N LYS A 21 8.15 48.02 30.47
CA LYS A 21 8.49 46.62 30.30
C LYS A 21 7.75 45.72 31.29
N ALA A 22 7.22 46.29 32.36
CA ALA A 22 6.46 45.52 33.34
C ALA A 22 4.99 45.35 32.94
N GLY A 23 4.51 46.14 31.99
CA GLY A 23 3.14 46.05 31.54
C GLY A 23 2.20 47.08 32.13
N LEU A 24 2.70 47.99 32.97
CA LEU A 24 1.83 49.01 33.56
C LEU A 24 1.42 50.03 32.50
N GLN A 25 0.16 50.46 32.59
CA GLN A 25 -0.42 51.39 31.63
C GLN A 25 -1.12 52.52 32.37
N ALA A 26 -1.59 53.50 31.61
CA ALA A 26 -2.35 54.59 32.18
C ALA A 26 -3.73 54.10 32.63
N GLY A 27 -4.16 54.56 33.80
CA GLY A 27 -5.44 54.15 34.35
C GLY A 27 -5.37 52.93 35.26
N ASP A 28 -4.25 52.21 35.28
CA ASP A 28 -4.12 51.06 36.15
C ASP A 28 -4.10 51.49 37.61
N ARG A 29 -4.67 50.64 38.47
CA ARG A 29 -4.77 50.91 39.90
C ARG A 29 -3.99 49.84 40.66
N ILE A 30 -2.94 50.25 41.36
CA ILE A 30 -2.18 49.33 42.19
C ILE A 30 -3.02 48.92 43.39
N VAL A 31 -3.11 47.62 43.65
CA VAL A 31 -3.91 47.07 44.73
C VAL A 31 -3.05 46.34 45.76
N LYS A 32 -2.15 45.48 45.30
CA LYS A 32 -1.29 44.73 46.18
C LYS A 32 0.16 44.82 45.71
N VAL A 33 1.08 44.84 46.68
CA VAL A 33 2.51 44.85 46.40
C VAL A 33 3.16 43.75 47.23
N ASP A 34 3.80 42.79 46.56
CA ASP A 34 4.49 41.68 47.21
C ASP A 34 3.58 40.88 48.13
N GLY A 35 2.31 40.76 47.76
CA GLY A 35 1.37 39.97 48.55
C GLY A 35 0.41 40.79 49.38
N GLN A 36 0.95 41.56 50.33
CA GLN A 36 0.11 42.36 51.20
C GLN A 36 -0.59 43.46 50.40
N PRO A 37 -1.79 43.85 50.80
CA PRO A 37 -2.51 44.92 50.09
C PRO A 37 -1.79 46.25 50.22
N LEU A 38 -2.25 47.21 49.43
CA LEU A 38 -1.67 48.56 49.39
C LEU A 38 -2.71 49.53 49.98
N THR A 39 -2.57 49.80 51.27
CA THR A 39 -3.44 50.77 51.93
C THR A 39 -2.84 52.16 51.95
N GLN A 40 -1.52 52.28 51.91
CA GLN A 40 -0.83 53.57 51.90
C GLN A 40 0.04 53.64 50.65
N TRP A 41 -0.23 54.63 49.80
CA TRP A 41 0.57 54.81 48.58
C TRP A 41 2.03 55.10 48.90
N VAL A 42 2.30 55.66 50.08
CA VAL A 42 3.67 55.95 50.49
C VAL A 42 4.48 54.68 50.59
N THR A 43 3.85 53.56 50.95
CA THR A 43 4.59 52.30 51.04
C THR A 43 5.08 51.85 49.67
N PHE A 44 4.21 51.93 48.65
CA PHE A 44 4.64 51.60 47.30
C PHE A 44 5.70 52.57 46.80
N VAL A 45 5.54 53.86 47.12
CA VAL A 45 6.54 54.84 46.70
C VAL A 45 7.90 54.52 47.31
N MET A 46 7.93 54.18 48.61
CA MET A 46 9.20 53.86 49.26
C MET A 46 9.77 52.53 48.78
N LEU A 47 8.91 51.58 48.39
CA LEU A 47 9.41 50.33 47.84
C LEU A 47 10.06 50.55 46.48
N VAL A 48 9.45 51.40 45.65
CA VAL A 48 10.07 51.74 44.37
C VAL A 48 11.34 52.54 44.58
N ARG A 49 11.35 53.41 45.59
CA ARG A 49 12.49 54.28 45.83
C ARG A 49 13.69 53.51 46.36
N ASP A 50 13.51 52.76 47.45
CA ASP A 50 14.63 52.14 48.13
C ASP A 50 15.23 51.00 47.31
N ASN A 51 14.39 50.08 46.85
CA ASN A 51 14.86 48.90 46.13
C ASN A 51 15.30 49.28 44.72
N PRO A 52 16.59 49.16 44.38
CA PRO A 52 17.05 49.56 43.04
C PRO A 52 17.43 48.38 42.17
N GLY A 53 16.45 47.58 41.75
CA GLY A 53 16.73 46.41 40.95
C GLY A 53 16.17 45.15 41.56
N LYS A 54 15.15 45.30 42.39
CA LYS A 54 14.48 44.19 43.07
C LYS A 54 13.13 43.93 42.41
N SER A 55 12.81 42.65 42.21
CA SER A 55 11.56 42.27 41.56
C SER A 55 10.40 42.48 42.53
N LEU A 56 9.50 43.39 42.19
CA LEU A 56 8.32 43.70 43.00
C LEU A 56 7.09 43.11 42.31
N ALA A 57 6.39 42.21 43.00
CA ALA A 57 5.18 41.62 42.46
C ALA A 57 4.01 42.56 42.73
N LEU A 58 3.37 43.02 41.66
CA LEU A 58 2.26 43.96 41.73
C LEU A 58 0.98 43.30 41.27
N GLU A 59 -0.04 43.31 42.13
CA GLU A 59 -1.40 42.98 41.74
C GLU A 59 -2.13 44.28 41.48
N ILE A 60 -2.37 44.58 40.21
CA ILE A 60 -3.05 45.79 39.80
C ILE A 60 -4.48 45.45 39.41
N GLU A 61 -5.31 46.47 39.25
CA GLU A 61 -6.69 46.29 38.79
C GLU A 61 -6.88 47.16 37.56
N ARG A 62 -6.66 46.57 36.39
CA ARG A 62 -6.86 47.24 35.11
C ARG A 62 -8.30 47.05 34.66
N GLN A 63 -8.99 48.15 34.36
CA GLN A 63 -10.40 48.14 33.97
C GLN A 63 -11.29 47.50 35.03
N GLY A 64 -10.82 47.44 36.27
CA GLY A 64 -11.55 46.80 37.34
C GLY A 64 -11.26 45.33 37.55
N SER A 65 -10.32 44.76 36.78
CA SER A 65 -10.00 43.35 36.87
C SER A 65 -8.54 43.15 37.26
N PRO A 66 -8.24 42.18 38.13
CA PRO A 66 -6.88 42.04 38.64
C PRO A 66 -5.93 41.48 37.59
N LEU A 67 -4.64 41.80 37.79
CA LEU A 67 -3.57 41.37 36.91
C LEU A 67 -2.28 41.35 37.71
N SER A 68 -1.42 40.37 37.43
CA SER A 68 -0.18 40.18 38.16
C SER A 68 1.00 40.54 37.26
N LEU A 69 1.81 41.50 37.70
CA LEU A 69 2.97 41.97 36.95
C LEU A 69 4.19 41.98 37.86
N THR A 70 5.36 42.11 37.25
CA THR A 70 6.63 42.17 37.96
C THR A 70 7.36 43.44 37.54
N LEU A 71 7.64 44.29 38.52
CA LEU A 71 8.28 45.58 38.28
C LEU A 71 9.72 45.53 38.79
N ILE A 72 10.65 45.97 37.95
CA ILE A 72 12.06 46.05 38.30
C ILE A 72 12.52 47.49 38.12
N PRO A 73 12.68 48.24 39.22
CA PRO A 73 13.03 49.66 39.09
C PRO A 73 14.39 49.86 38.45
N GLU A 74 14.48 50.89 37.62
CA GLU A 74 15.74 51.24 36.97
C GLU A 74 16.65 51.94 37.97
N SER A 75 17.91 51.49 38.04
CA SER A 75 18.88 52.06 38.98
C SER A 75 19.33 53.43 38.46
N LYS A 76 18.51 54.43 38.75
CA LYS A 76 18.87 55.79 38.38
C LYS A 76 19.96 56.30 39.31
N PRO A 77 20.94 57.03 38.77
CA PRO A 77 22.05 57.52 39.60
C PRO A 77 21.59 58.52 40.64
N GLY A 78 22.03 58.30 41.88
CA GLY A 78 21.71 59.20 42.96
C GLY A 78 22.90 59.44 43.86
N ASN A 79 23.04 60.67 44.35
CA ASN A 79 24.19 61.03 45.17
C ASN A 79 24.22 60.21 46.46
N GLY A 80 23.11 60.21 47.21
CA GLY A 80 23.07 59.45 48.45
C GLY A 80 23.27 57.96 48.24
N LYS A 81 22.51 57.38 47.32
CA LYS A 81 22.64 55.97 46.98
C LYS A 81 21.94 55.76 45.65
N ALA A 82 22.17 54.58 45.07
CA ALA A 82 21.50 54.21 43.83
C ALA A 82 20.00 54.21 44.05
N ILE A 83 19.27 55.03 43.29
CA ILE A 83 17.85 55.20 43.53
C ILE A 83 17.07 54.43 42.48
N GLY A 84 15.80 54.16 42.79
CA GLY A 84 14.94 53.40 41.91
C GLY A 84 13.95 54.29 41.20
N PHE A 85 13.95 54.21 39.86
CA PHE A 85 13.06 54.99 39.02
C PHE A 85 12.33 54.05 38.08
N VAL A 86 10.99 54.05 38.14
CA VAL A 86 10.18 53.20 37.28
C VAL A 86 9.56 53.97 36.12
N GLY A 87 9.41 55.28 36.24
CA GLY A 87 8.79 56.06 35.19
C GLY A 87 7.29 56.19 35.30
N ILE A 88 6.75 56.13 36.52
CA ILE A 88 5.30 56.22 36.75
C ILE A 88 4.95 57.65 37.09
N GLU A 89 3.92 58.18 36.44
CA GLU A 89 3.38 59.47 36.78
C GLU A 89 2.13 59.27 37.62
N PRO A 90 2.08 59.82 38.84
CA PRO A 90 0.90 59.59 39.70
C PRO A 90 -0.32 60.31 39.16
N LYS A 91 -1.46 59.97 39.76
CA LYS A 91 -2.73 60.57 39.36
C LYS A 91 -2.74 62.06 39.69
N VAL A 92 -3.21 62.86 38.74
CA VAL A 92 -3.27 64.30 38.93
C VAL A 92 -4.28 64.62 40.03
N ILE A 93 -3.84 65.42 41.00
CA ILE A 93 -4.69 65.79 42.14
C ILE A 93 -5.42 67.10 41.87
N ILE B 6 4.15 -55.25 -52.67
CA ILE B 6 4.91 -55.15 -51.43
C ILE B 6 4.24 -54.20 -50.45
N GLU B 7 3.40 -54.74 -49.58
CA GLU B 7 2.73 -53.92 -48.59
C GLU B 7 3.73 -53.49 -47.52
N PRO B 8 3.82 -52.20 -47.20
CA PRO B 8 4.87 -51.72 -46.29
C PRO B 8 4.51 -51.73 -44.81
N VAL B 9 3.44 -52.43 -44.42
CA VAL B 9 3.04 -52.47 -43.01
C VAL B 9 4.07 -53.25 -42.21
N LEU B 10 4.54 -52.66 -41.11
CA LEU B 10 5.54 -53.31 -40.27
C LEU B 10 4.89 -54.42 -39.44
N GLU B 11 5.71 -55.40 -39.06
CA GLU B 11 5.25 -56.53 -38.25
C GLU B 11 5.53 -56.31 -36.78
N ASN B 12 6.80 -56.14 -36.41
CA ASN B 12 7.18 -55.91 -35.03
C ASN B 12 8.41 -55.00 -34.99
N VAL B 13 8.56 -54.28 -33.89
CA VAL B 13 9.70 -53.40 -33.66
C VAL B 13 10.49 -53.96 -32.48
N GLN B 14 11.77 -54.20 -32.69
CA GLN B 14 12.60 -54.75 -31.63
C GLN B 14 12.84 -53.69 -30.54
N PRO B 15 12.91 -54.10 -29.28
CA PRO B 15 13.10 -53.12 -28.21
C PRO B 15 14.50 -52.51 -28.23
N ASN B 16 14.57 -51.25 -27.80
CA ASN B 16 15.83 -50.50 -27.75
C ASN B 16 16.51 -50.44 -29.12
N SER B 17 15.70 -50.30 -30.16
CA SER B 17 16.19 -50.22 -31.53
C SER B 17 16.15 -48.77 -32.01
N ALA B 18 16.64 -48.54 -33.23
CA ALA B 18 16.54 -47.22 -33.83
C ALA B 18 15.09 -46.83 -34.10
N ALA B 19 14.25 -47.80 -34.44
CA ALA B 19 12.83 -47.55 -34.63
C ALA B 19 12.09 -47.46 -33.31
N SER B 20 12.64 -48.01 -32.23
CA SER B 20 12.00 -47.89 -30.92
C SER B 20 12.05 -46.45 -30.43
N LYS B 21 13.23 -45.83 -30.43
CA LYS B 21 13.35 -44.43 -30.06
C LYS B 21 12.71 -43.51 -31.09
N ALA B 22 12.46 -44.00 -32.30
CA ALA B 22 11.81 -43.21 -33.34
C ALA B 22 10.30 -43.15 -33.19
N GLY B 23 9.72 -43.93 -32.28
CA GLY B 23 8.29 -43.99 -32.13
C GLY B 23 7.60 -45.01 -33.01
N LEU B 24 8.33 -45.68 -33.89
CA LEU B 24 7.74 -46.68 -34.77
C LEU B 24 7.26 -47.87 -33.94
N GLN B 25 6.00 -48.26 -34.16
CA GLN B 25 5.37 -49.35 -33.44
C GLN B 25 4.87 -50.40 -34.43
N ALA B 26 4.34 -51.50 -33.88
CA ALA B 26 3.77 -52.54 -34.72
C ALA B 26 2.45 -52.07 -35.32
N GLY B 27 2.26 -52.34 -36.61
CA GLY B 27 1.07 -51.92 -37.31
C GLY B 27 1.14 -50.56 -37.93
N ASP B 28 2.34 -50.05 -38.22
CA ASP B 28 2.53 -48.74 -38.84
C ASP B 28 2.87 -48.93 -40.31
N ARG B 29 2.18 -48.20 -41.17
CA ARG B 29 2.40 -48.26 -42.61
C ARG B 29 3.16 -47.02 -43.05
N ILE B 30 4.38 -47.22 -43.56
CA ILE B 30 5.19 -46.10 -44.03
C ILE B 30 4.60 -45.58 -45.33
N VAL B 31 4.31 -44.27 -45.36
CA VAL B 31 3.67 -43.64 -46.51
C VAL B 31 4.63 -42.73 -47.25
N LYS B 32 5.43 -41.94 -46.54
CA LYS B 32 6.37 -41.01 -47.16
C LYS B 32 7.73 -41.14 -46.49
N VAL B 33 8.78 -40.94 -47.28
CA VAL B 33 10.16 -40.93 -46.80
C VAL B 33 10.86 -39.71 -47.38
N ASP B 34 11.35 -38.84 -46.50
CA ASP B 34 12.01 -37.59 -46.89
C ASP B 34 11.11 -36.75 -47.80
N GLY B 35 9.81 -36.76 -47.51
CA GLY B 35 8.86 -35.96 -48.27
C GLY B 35 8.15 -36.71 -49.38
N GLN B 36 8.92 -37.32 -50.27
CA GLN B 36 8.32 -38.02 -51.40
C GLN B 36 7.62 -39.29 -50.92
N PRO B 37 6.45 -39.61 -51.47
CA PRO B 37 5.72 -40.81 -51.04
C PRO B 37 6.49 -42.09 -51.34
N LEU B 38 6.14 -43.14 -50.61
CA LEU B 38 6.81 -44.45 -50.70
C LEU B 38 5.95 -45.36 -51.57
N THR B 39 6.29 -45.42 -52.87
CA THR B 39 5.60 -46.31 -53.79
C THR B 39 6.17 -47.72 -53.78
N GLN B 40 7.48 -47.85 -53.55
CA GLN B 40 8.15 -49.15 -53.50
C GLN B 40 8.91 -49.26 -52.19
N TRP B 41 8.71 -50.39 -51.50
CA TRP B 41 9.30 -50.59 -50.19
C TRP B 41 10.84 -50.60 -50.24
N VAL B 42 11.40 -51.12 -51.33
CA VAL B 42 12.85 -51.33 -51.42
C VAL B 42 13.61 -50.05 -51.10
N THR B 43 13.13 -48.91 -51.62
CA THR B 43 13.81 -47.64 -51.40
C THR B 43 14.05 -47.39 -49.92
N PHE B 44 13.04 -47.63 -49.08
CA PHE B 44 13.21 -47.47 -47.65
C PHE B 44 14.39 -48.29 -47.14
N VAL B 45 14.42 -49.57 -47.51
CA VAL B 45 15.57 -50.41 -47.16
C VAL B 45 16.86 -49.77 -47.62
N MET B 46 16.88 -49.29 -48.87
CA MET B 46 18.05 -48.59 -49.37
C MET B 46 18.38 -47.39 -48.50
N LEU B 47 17.37 -46.57 -48.20
CA LEU B 47 17.60 -45.40 -47.35
C LEU B 47 18.09 -45.79 -45.97
N VAL B 48 17.84 -47.02 -45.54
CA VAL B 48 18.40 -47.49 -44.28
C VAL B 48 19.80 -48.08 -44.47
N ARG B 49 20.04 -48.73 -45.61
CA ARG B 49 21.29 -49.47 -45.77
C ARG B 49 22.47 -48.53 -45.99
N ASP B 50 22.34 -47.59 -46.93
CA ASP B 50 23.45 -46.75 -47.35
C ASP B 50 23.54 -45.44 -46.58
N ASN B 51 22.65 -45.20 -45.61
CA ASN B 51 22.64 -43.95 -44.85
C ASN B 51 22.64 -44.26 -43.36
N PRO B 52 23.82 -44.39 -42.75
CA PRO B 52 23.88 -44.58 -41.30
C PRO B 52 23.90 -43.25 -40.55
N GLY B 53 23.09 -43.14 -39.49
CA GLY B 53 23.03 -41.93 -38.69
C GLY B 53 22.27 -40.78 -39.30
N LYS B 54 21.99 -40.82 -40.60
CA LYS B 54 21.26 -39.74 -41.26
C LYS B 54 19.81 -39.73 -40.78
N SER B 55 19.33 -38.56 -40.38
CA SER B 55 17.94 -38.43 -39.95
C SER B 55 16.99 -38.57 -41.13
N LEU B 56 15.99 -39.44 -40.99
CA LEU B 56 15.01 -39.68 -42.04
C LEU B 56 13.63 -39.28 -41.53
N ALA B 57 12.96 -38.41 -42.27
CA ALA B 57 11.61 -37.97 -41.94
C ALA B 57 10.61 -38.97 -42.51
N LEU B 58 9.89 -39.67 -41.65
CA LEU B 58 8.94 -40.68 -42.06
C LEU B 58 7.53 -40.24 -41.72
N GLU B 59 6.58 -40.54 -42.62
CA GLU B 59 5.16 -40.31 -42.37
C GLU B 59 4.48 -41.67 -42.35
N ILE B 60 4.09 -42.11 -41.15
CA ILE B 60 3.47 -43.40 -40.97
C ILE B 60 1.95 -43.21 -40.90
N GLU B 61 1.21 -44.31 -41.00
CA GLU B 61 -0.24 -44.30 -40.86
C GLU B 61 -0.61 -45.30 -39.77
N ARG B 62 -0.73 -44.79 -38.54
CA ARG B 62 -1.13 -45.61 -37.41
C ARG B 62 -2.65 -45.53 -37.28
N GLN B 63 -3.30 -46.70 -37.28
CA GLN B 63 -4.76 -46.81 -37.29
C GLN B 63 -5.37 -46.04 -38.46
N GLY B 64 -4.59 -45.85 -39.53
CA GLY B 64 -5.00 -45.08 -40.68
C GLY B 64 -4.60 -43.61 -40.62
N SER B 65 -4.48 -43.05 -39.41
CA SER B 65 -4.18 -41.63 -39.29
C SER B 65 -2.67 -41.38 -39.41
N PRO B 66 -2.26 -40.31 -40.08
CA PRO B 66 -0.83 -40.09 -40.30
C PRO B 66 -0.13 -39.47 -39.10
N LEU B 67 1.10 -39.93 -38.88
CA LEU B 67 2.00 -39.40 -37.88
C LEU B 67 3.35 -39.12 -38.51
N SER B 68 4.10 -38.18 -37.93
CA SER B 68 5.42 -37.81 -38.42
C SER B 68 6.46 -38.23 -37.40
N LEU B 69 7.40 -39.07 -37.84
CA LEU B 69 8.46 -39.58 -36.98
C LEU B 69 9.82 -39.34 -37.62
N THR B 70 10.86 -39.50 -36.82
CA THR B 70 12.24 -39.30 -37.26
C THR B 70 13.04 -40.55 -36.94
N LEU B 71 13.68 -41.12 -37.95
CA LEU B 71 14.43 -42.36 -37.80
C LEU B 71 15.93 -42.07 -37.96
N ILE B 72 16.71 -42.55 -37.00
CA ILE B 72 18.17 -42.42 -37.03
C ILE B 72 18.76 -43.83 -37.03
N PRO B 73 19.14 -44.34 -38.20
CA PRO B 73 19.65 -45.72 -38.27
C PRO B 73 20.92 -45.92 -37.45
N GLU B 74 21.10 -47.15 -36.98
CA GLU B 74 22.25 -47.53 -36.19
C GLU B 74 23.37 -48.03 -37.08
N SER B 75 24.61 -47.84 -36.63
CA SER B 75 25.78 -48.23 -37.42
C SER B 75 26.04 -49.72 -37.21
N LYS B 76 25.66 -50.53 -38.20
CA LYS B 76 25.94 -51.96 -38.07
C LYS B 76 27.13 -52.35 -38.92
N PRO B 77 28.03 -53.20 -38.41
CA PRO B 77 29.18 -53.63 -39.21
C PRO B 77 28.76 -54.50 -40.39
N GLY B 78 29.71 -54.68 -41.30
CA GLY B 78 29.52 -55.51 -42.47
C GLY B 78 30.83 -55.75 -43.20
N ASN B 79 30.98 -56.93 -43.79
CA ASN B 79 32.24 -57.27 -44.45
C ASN B 79 32.52 -56.39 -45.66
N GLY B 80 31.50 -55.77 -46.24
CA GLY B 80 31.70 -54.87 -47.37
C GLY B 80 31.85 -53.43 -46.95
N LYS B 81 31.01 -52.98 -46.04
CA LYS B 81 31.02 -51.59 -45.57
C LYS B 81 30.26 -51.53 -44.25
N ALA B 82 29.95 -50.32 -43.80
CA ALA B 82 29.15 -50.10 -42.61
C ALA B 82 27.71 -49.81 -43.03
N ILE B 83 26.79 -50.69 -42.67
CA ILE B 83 25.42 -50.59 -43.10
C ILE B 83 24.60 -49.91 -42.00
N GLY B 84 23.34 -49.63 -42.30
CA GLY B 84 22.41 -49.04 -41.35
C GLY B 84 21.39 -50.08 -40.92
N PHE B 85 21.24 -50.21 -39.60
CA PHE B 85 20.34 -51.17 -38.98
C PHE B 85 19.38 -50.42 -38.06
N VAL B 86 18.09 -50.55 -38.35
CA VAL B 86 17.06 -49.85 -37.57
C VAL B 86 16.38 -50.81 -36.61
N GLY B 87 16.31 -52.08 -36.99
CA GLY B 87 15.68 -53.08 -36.15
C GLY B 87 14.20 -53.22 -36.40
N ILE B 88 13.81 -53.24 -37.69
CA ILE B 88 12.41 -53.35 -38.08
C ILE B 88 12.21 -54.72 -38.73
N GLU B 89 11.25 -55.48 -38.19
CA GLU B 89 10.93 -56.79 -38.75
C GLU B 89 9.85 -56.62 -39.81
N PRO B 90 10.13 -56.91 -41.08
CA PRO B 90 9.14 -56.68 -42.14
C PRO B 90 7.92 -57.58 -41.99
N LYS B 91 6.91 -57.28 -42.80
CA LYS B 91 5.64 -58.01 -42.72
C LYS B 91 5.84 -59.48 -43.08
N VAL B 92 5.28 -60.36 -42.27
CA VAL B 92 5.39 -61.79 -42.51
C VAL B 92 4.55 -62.17 -43.71
N ILE B 93 5.17 -62.83 -44.68
CA ILE B 93 4.48 -63.24 -45.90
C ILE B 93 4.24 -64.74 -45.91
N GLN C 1 20.15 -29.58 -28.50
CA GLN C 1 19.40 -29.25 -27.29
C GLN C 1 17.99 -28.76 -27.64
N VAL C 2 17.00 -29.61 -27.40
CA VAL C 2 15.62 -29.33 -27.76
C VAL C 2 14.97 -28.50 -26.66
N GLN C 3 14.28 -27.44 -27.05
CA GLN C 3 13.57 -26.58 -26.11
C GLN C 3 12.25 -26.14 -26.72
N LEU C 4 11.16 -26.34 -25.98
CA LEU C 4 9.83 -25.91 -26.36
C LEU C 4 9.42 -24.78 -25.44
N GLN C 5 9.52 -23.54 -25.93
CA GLN C 5 9.18 -22.35 -25.16
C GLN C 5 7.75 -21.95 -25.50
N GLN C 6 6.87 -22.00 -24.51
CA GLN C 6 5.48 -21.63 -24.71
C GLN C 6 5.28 -20.15 -24.39
N SER C 7 4.07 -19.67 -24.68
CA SER C 7 3.76 -18.26 -24.47
C SER C 7 3.52 -17.98 -22.99
N ARG C 8 3.46 -16.69 -22.66
CA ARG C 8 3.19 -16.26 -21.31
C ARG C 8 1.76 -16.63 -20.90
N ALA C 9 1.49 -16.51 -19.60
CA ALA C 9 0.18 -16.86 -19.07
C ALA C 9 -0.90 -15.95 -19.67
N GLU C 10 -2.11 -16.50 -19.77
CA GLU C 10 -3.23 -15.81 -20.40
C GLU C 10 -4.45 -15.86 -19.50
N LEU C 11 -5.19 -14.76 -19.46
CA LEU C 11 -6.48 -14.70 -18.79
C LEU C 11 -7.49 -14.11 -19.75
N ALA C 12 -8.68 -14.70 -19.80
CA ALA C 12 -9.70 -14.31 -20.76
C ALA C 12 -11.08 -14.33 -20.11
N ARG C 13 -11.97 -13.49 -20.65
CA ARG C 13 -13.33 -13.45 -20.15
C ARG C 13 -14.10 -14.67 -20.65
N PRO C 14 -15.03 -15.20 -19.83
CA PRO C 14 -15.75 -16.41 -20.24
C PRO C 14 -16.61 -16.21 -21.48
N GLY C 15 -16.06 -16.54 -22.65
CA GLY C 15 -16.81 -16.42 -23.89
C GLY C 15 -15.93 -16.22 -25.11
N ALA C 16 -14.88 -15.42 -24.97
CA ALA C 16 -14.00 -15.11 -26.08
C ALA C 16 -13.05 -16.28 -26.33
N SER C 17 -12.06 -16.07 -27.20
CA SER C 17 -11.10 -17.09 -27.59
C SER C 17 -9.69 -16.66 -27.21
N VAL C 18 -8.80 -17.64 -27.15
CA VAL C 18 -7.37 -17.40 -26.89
C VAL C 18 -6.57 -18.25 -27.86
N LYS C 19 -5.30 -17.87 -28.04
CA LYS C 19 -4.39 -18.60 -28.91
C LYS C 19 -3.02 -18.66 -28.25
N MET C 20 -2.59 -19.86 -27.87
CA MET C 20 -1.31 -20.09 -27.24
C MET C 20 -0.28 -20.53 -28.28
N SER C 21 0.97 -20.10 -28.06
CA SER C 21 2.09 -20.41 -28.94
C SER C 21 2.94 -21.52 -28.35
N CYS C 22 3.92 -21.96 -29.13
CA CYS C 22 4.84 -23.02 -28.72
C CYS C 22 6.04 -23.07 -29.67
N LYS C 23 7.04 -22.23 -29.44
CA LYS C 23 8.21 -22.20 -30.29
C LYS C 23 9.13 -23.37 -29.98
N ALA C 24 9.71 -23.96 -31.03
CA ALA C 24 10.61 -25.10 -30.90
C ALA C 24 12.00 -24.69 -31.37
N SER C 25 13.02 -25.13 -30.63
CA SER C 25 14.40 -24.85 -30.99
C SER C 25 15.26 -26.07 -30.70
N GLY C 26 16.34 -26.20 -31.47
CA GLY C 26 17.30 -27.27 -31.27
C GLY C 26 17.07 -28.53 -32.08
N TYR C 27 16.08 -28.53 -32.97
CA TYR C 27 15.80 -29.70 -33.79
C TYR C 27 14.97 -29.27 -34.99
N THR C 28 14.88 -30.17 -35.97
CA THR C 28 14.11 -29.91 -37.18
C THR C 28 12.62 -29.95 -36.85
N PHE C 29 11.96 -28.80 -36.96
CA PHE C 29 10.57 -28.69 -36.53
C PHE C 29 9.62 -29.45 -37.45
N THR C 30 9.86 -29.41 -38.75
CA THR C 30 8.97 -30.04 -39.72
C THR C 30 9.09 -31.55 -39.76
N THR C 31 10.00 -32.15 -39.00
CA THR C 31 10.24 -33.58 -39.08
C THR C 31 9.41 -34.37 -38.07
N TYR C 32 9.24 -33.85 -36.86
CA TYR C 32 8.52 -34.58 -35.82
C TYR C 32 7.04 -34.20 -35.80
N THR C 33 6.42 -34.33 -34.63
CA THR C 33 5.00 -34.05 -34.44
C THR C 33 4.80 -33.35 -33.10
N MET C 34 3.99 -32.30 -33.09
CA MET C 34 3.71 -31.57 -31.87
C MET C 34 2.42 -32.07 -31.24
N GLN C 35 2.35 -32.02 -29.92
CA GLN C 35 1.21 -32.49 -29.16
C GLN C 35 0.64 -31.36 -28.31
N TRP C 36 -0.55 -31.58 -27.77
CA TRP C 36 -1.15 -30.62 -26.84
C TRP C 36 -1.88 -31.38 -25.75
N VAL C 37 -1.60 -31.02 -24.49
CA VAL C 37 -2.12 -31.70 -23.32
C VAL C 37 -2.71 -30.69 -22.36
N LYS C 38 -3.87 -31.01 -21.80
CA LYS C 38 -4.54 -30.17 -20.81
C LYS C 38 -4.51 -30.85 -19.45
N GLN C 39 -4.26 -30.07 -18.39
CA GLN C 39 -4.25 -30.57 -17.03
C GLN C 39 -4.92 -29.55 -16.11
N ARG C 40 -6.04 -29.93 -15.53
CA ARG C 40 -6.70 -29.10 -14.53
C ARG C 40 -5.97 -29.21 -13.20
N PRO C 41 -6.11 -28.21 -12.32
CA PRO C 41 -5.43 -28.26 -11.01
C PRO C 41 -5.86 -29.46 -10.20
N GLY C 42 -4.90 -30.32 -9.87
CA GLY C 42 -5.13 -31.50 -9.07
C GLY C 42 -5.55 -32.73 -9.85
N GLN C 43 -6.22 -32.55 -10.98
CA GLN C 43 -6.70 -33.67 -11.79
C GLN C 43 -5.55 -34.25 -12.61
N ALA C 44 -5.89 -35.13 -13.55
CA ALA C 44 -4.91 -35.83 -14.36
C ALA C 44 -4.72 -35.14 -15.70
N LEU C 45 -3.76 -35.65 -16.47
CA LEU C 45 -3.49 -35.12 -17.80
C LEU C 45 -4.59 -35.56 -18.76
N GLU C 46 -4.90 -34.68 -19.71
CA GLU C 46 -5.90 -34.97 -20.74
C GLU C 46 -5.29 -34.66 -22.11
N TRP C 47 -5.50 -35.57 -23.06
CA TRP C 47 -4.92 -35.44 -24.39
C TRP C 47 -5.87 -34.65 -25.29
N ILE C 48 -5.37 -33.58 -25.88
CA ILE C 48 -6.15 -32.76 -26.81
C ILE C 48 -5.98 -33.31 -28.22
N GLY C 49 -4.75 -33.28 -28.71
CA GLY C 49 -4.48 -33.78 -30.04
C GLY C 49 -3.04 -33.52 -30.44
N TYR C 50 -2.79 -33.66 -31.73
CA TYR C 50 -1.46 -33.44 -32.29
C TYR C 50 -1.58 -32.68 -33.60
N ILE C 51 -0.47 -32.05 -33.98
CA ILE C 51 -0.33 -31.39 -35.27
C ILE C 51 0.94 -31.92 -35.92
N ASN C 52 0.88 -32.13 -37.24
CA ASN C 52 2.02 -32.55 -38.05
C ASN C 52 2.67 -31.32 -38.66
N PRO C 53 3.77 -30.84 -38.11
CA PRO C 53 4.43 -29.65 -38.67
C PRO C 53 4.92 -29.91 -40.08
N GLY C 54 4.59 -28.98 -40.99
CA GLY C 54 4.90 -29.11 -42.39
C GLY C 54 3.81 -29.79 -43.20
N SER C 55 3.07 -30.72 -42.58
CA SER C 55 1.97 -31.39 -43.25
C SER C 55 0.64 -30.67 -43.05
N GLY C 56 0.43 -30.08 -41.87
CA GLY C 56 -0.78 -29.35 -41.58
C GLY C 56 -1.93 -30.18 -41.03
N TYR C 57 -1.91 -31.49 -41.24
CA TYR C 57 -3.00 -32.34 -40.77
C TYR C 57 -3.04 -32.36 -39.25
N ALA C 58 -4.24 -32.28 -38.70
CA ALA C 58 -4.44 -32.27 -37.25
C ALA C 58 -5.73 -33.00 -36.92
N LYS C 59 -5.73 -33.70 -35.79
CA LYS C 59 -6.90 -34.42 -35.31
C LYS C 59 -6.99 -34.25 -33.79
N ASN C 60 -8.16 -33.81 -33.32
CA ASN C 60 -8.37 -33.53 -31.91
C ASN C 60 -9.10 -34.68 -31.23
N ASN C 61 -9.15 -34.60 -29.90
CA ASN C 61 -9.92 -35.54 -29.11
C ASN C 61 -11.41 -35.35 -29.40
N GLN C 62 -12.19 -36.41 -29.16
CA GLN C 62 -13.62 -36.37 -29.44
C GLN C 62 -14.42 -35.57 -28.42
N LYS C 63 -13.77 -34.96 -27.44
CA LYS C 63 -14.38 -33.94 -26.59
C LYS C 63 -13.98 -32.54 -27.02
N PHE C 64 -12.69 -32.33 -27.28
CA PHE C 64 -12.19 -31.03 -27.70
C PHE C 64 -12.19 -30.95 -29.22
N LYS C 65 -13.15 -31.63 -29.85
CA LYS C 65 -13.26 -31.62 -31.30
C LYS C 65 -13.65 -30.25 -31.82
N ASP C 66 -14.22 -29.40 -30.97
CA ASP C 66 -14.58 -28.04 -31.34
C ASP C 66 -14.05 -27.00 -30.37
N LYS C 67 -13.76 -27.39 -29.12
CA LYS C 67 -13.24 -26.43 -28.15
C LYS C 67 -11.84 -25.96 -28.52
N ALA C 68 -11.02 -26.84 -29.10
CA ALA C 68 -9.65 -26.53 -29.46
C ALA C 68 -9.46 -26.64 -30.96
N THR C 69 -8.69 -25.72 -31.53
CA THR C 69 -8.32 -25.74 -32.93
C THR C 69 -6.82 -25.57 -33.03
N LEU C 70 -6.14 -26.54 -33.65
CA LEU C 70 -4.68 -26.57 -33.71
C LEU C 70 -4.21 -26.14 -35.09
N THR C 71 -3.22 -25.24 -35.11
CA THR C 71 -2.58 -24.81 -36.34
C THR C 71 -1.08 -24.75 -36.11
N ALA C 72 -0.33 -24.55 -37.19
CA ALA C 72 1.12 -24.49 -37.08
C ALA C 72 1.69 -23.67 -38.22
N ASP C 73 2.71 -22.86 -37.91
CA ASP C 73 3.47 -22.12 -38.91
C ASP C 73 4.87 -22.71 -38.97
N LYS C 74 5.22 -23.29 -40.12
CA LYS C 74 6.51 -23.92 -40.30
C LYS C 74 7.61 -22.93 -40.63
N SER C 75 7.27 -21.75 -41.14
CA SER C 75 8.28 -20.75 -41.44
C SER C 75 8.94 -20.22 -40.17
N SER C 76 8.17 -20.06 -39.09
CA SER C 76 8.69 -19.63 -37.81
C SER C 76 8.89 -20.78 -36.84
N SER C 77 8.57 -22.01 -37.25
CA SER C 77 8.68 -23.20 -36.41
C SER C 77 7.92 -23.02 -35.10
N THR C 78 6.61 -22.82 -35.23
CA THR C 78 5.75 -22.58 -34.08
C THR C 78 4.43 -23.32 -34.26
N ALA C 79 3.85 -23.76 -33.16
CA ALA C 79 2.57 -24.45 -33.15
C ALA C 79 1.61 -23.69 -32.26
N TYR C 80 0.47 -23.28 -32.80
CA TYR C 80 -0.53 -22.51 -32.08
C TYR C 80 -1.76 -23.35 -31.81
N MET C 81 -2.40 -23.09 -30.67
CA MET C 81 -3.66 -23.73 -30.32
C MET C 81 -4.62 -22.67 -29.83
N GLN C 82 -5.79 -22.58 -30.48
CA GLN C 82 -6.80 -21.61 -30.08
C GLN C 82 -7.97 -22.31 -29.41
N LEU C 83 -8.41 -21.74 -28.30
CA LEU C 83 -9.56 -22.21 -27.55
C LEU C 83 -10.68 -21.18 -27.69
N SER C 84 -11.82 -21.62 -28.21
CA SER C 84 -12.99 -20.79 -28.39
C SER C 84 -14.10 -21.22 -27.43
N SER C 85 -14.98 -20.27 -27.12
CA SER C 85 -16.08 -20.48 -26.17
C SER C 85 -15.55 -20.96 -24.82
N LEU C 86 -14.88 -20.05 -24.15
CA LEU C 86 -14.21 -20.37 -22.89
C LEU C 86 -15.19 -20.33 -21.73
N THR C 87 -15.07 -21.31 -20.84
CA THR C 87 -15.84 -21.38 -19.60
C THR C 87 -14.88 -21.59 -18.44
N SER C 88 -15.42 -21.63 -17.22
CA SER C 88 -14.59 -21.81 -16.04
C SER C 88 -13.91 -23.17 -16.02
N ASP C 89 -14.45 -24.15 -16.75
CA ASP C 89 -13.84 -25.48 -16.79
C ASP C 89 -12.56 -25.52 -17.63
N ASP C 90 -12.36 -24.54 -18.50
CA ASP C 90 -11.17 -24.47 -19.33
C ASP C 90 -10.01 -23.78 -18.63
N SER C 91 -10.13 -23.49 -17.34
CA SER C 91 -9.05 -22.89 -16.55
C SER C 91 -8.10 -24.00 -16.12
N ALA C 92 -7.01 -24.17 -16.86
CA ALA C 92 -6.09 -25.28 -16.62
C ALA C 92 -4.74 -24.93 -17.24
N VAL C 93 -3.78 -25.84 -17.08
CA VAL C 93 -2.45 -25.70 -17.66
C VAL C 93 -2.43 -26.46 -18.98
N TYR C 94 -1.73 -25.91 -19.97
CA TYR C 94 -1.70 -26.47 -21.32
C TYR C 94 -0.26 -26.62 -21.77
N TYR C 95 0.17 -27.86 -21.99
CA TYR C 95 1.51 -28.17 -22.44
C TYR C 95 1.51 -28.52 -23.92
N CYS C 96 2.65 -28.28 -24.57
CA CYS C 96 2.92 -28.78 -25.91
C CYS C 96 4.12 -29.71 -25.85
N ALA C 97 3.99 -30.89 -26.45
CA ALA C 97 5.01 -31.92 -26.37
C ALA C 97 5.44 -32.35 -27.77
N ARG C 98 6.61 -32.98 -27.82
CA ARG C 98 7.25 -33.39 -29.06
C ARG C 98 7.00 -34.89 -29.32
N SER C 99 7.25 -35.29 -30.57
CA SER C 99 7.13 -36.67 -31.03
C SER C 99 5.67 -37.14 -31.08
N GLY C 100 5.42 -38.27 -31.75
CA GLY C 100 4.07 -38.72 -31.99
C GLY C 100 3.70 -40.02 -31.32
N SER C 101 4.64 -40.63 -30.60
CA SER C 101 4.36 -41.84 -29.83
C SER C 101 4.49 -41.54 -28.34
N PHE C 102 5.72 -41.56 -27.84
CA PHE C 102 6.00 -41.08 -26.50
C PHE C 102 6.32 -39.60 -26.55
N PHE C 103 6.00 -38.89 -25.47
CA PHE C 103 6.20 -37.44 -25.39
C PHE C 103 7.54 -37.21 -24.70
N ASP C 104 8.60 -37.09 -25.51
CA ASP C 104 9.95 -37.00 -24.97
C ASP C 104 10.18 -35.66 -24.30
N TYR C 105 10.04 -34.56 -25.04
CA TYR C 105 10.28 -33.22 -24.52
C TYR C 105 8.95 -32.49 -24.35
N TRP C 106 8.85 -31.72 -23.27
CA TRP C 106 7.63 -31.01 -22.92
C TRP C 106 7.89 -29.52 -22.85
N GLY C 107 6.80 -28.75 -22.79
CA GLY C 107 6.88 -27.32 -22.65
C GLY C 107 6.67 -26.89 -21.21
N GLN C 108 7.03 -25.63 -20.93
CA GLN C 108 6.90 -25.09 -19.58
C GLN C 108 5.43 -24.99 -19.16
N GLY C 109 4.52 -24.85 -20.12
CA GLY C 109 3.11 -24.75 -19.81
C GLY C 109 2.60 -23.33 -19.84
N THR C 110 1.39 -23.14 -20.38
CA THR C 110 0.75 -21.83 -20.44
C THR C 110 -0.50 -21.88 -19.58
N THR C 111 -0.41 -21.31 -18.38
CA THR C 111 -1.52 -21.33 -17.44
C THR C 111 -2.62 -20.38 -17.92
N LEU C 112 -3.79 -20.93 -18.19
CA LEU C 112 -4.93 -20.15 -18.65
C LEU C 112 -5.92 -19.94 -17.51
N THR C 113 -6.42 -18.72 -17.37
CA THR C 113 -7.39 -18.36 -16.35
C THR C 113 -8.62 -17.77 -17.02
N VAL C 114 -9.77 -18.39 -16.78
CA VAL C 114 -11.05 -17.90 -17.30
C VAL C 114 -11.79 -17.25 -16.14
N SER C 115 -11.85 -15.92 -16.15
CA SER C 115 -12.52 -15.17 -15.10
C SER C 115 -13.02 -13.86 -15.68
N SER C 116 -14.12 -13.35 -15.11
CA SER C 116 -14.73 -12.11 -15.56
C SER C 116 -14.37 -10.93 -14.66
N ALA C 117 -13.27 -11.01 -13.93
CA ALA C 117 -12.84 -9.98 -13.01
C ALA C 117 -11.77 -9.09 -13.62
N LYS C 118 -11.65 -7.89 -13.07
CA LYS C 118 -10.64 -6.93 -13.50
C LYS C 118 -9.50 -6.87 -12.49
N THR C 119 -8.41 -6.23 -12.89
CA THR C 119 -7.24 -6.13 -12.04
C THR C 119 -7.57 -5.35 -10.78
N THR C 120 -7.29 -5.94 -9.61
CA THR C 120 -7.65 -5.37 -8.33
C THR C 120 -6.47 -5.47 -7.38
N PRO C 121 -6.10 -4.38 -6.70
CA PRO C 121 -4.99 -4.45 -5.75
C PRO C 121 -5.37 -5.23 -4.51
N PRO C 122 -4.39 -5.78 -3.80
CA PRO C 122 -4.71 -6.55 -2.59
C PRO C 122 -5.01 -5.68 -1.39
N SER C 123 -5.78 -6.25 -0.47
CA SER C 123 -6.07 -5.63 0.83
C SER C 123 -5.32 -6.44 1.89
N VAL C 124 -4.35 -5.80 2.54
CA VAL C 124 -3.46 -6.47 3.48
C VAL C 124 -3.92 -6.16 4.90
N TYR C 125 -4.11 -7.21 5.70
CA TYR C 125 -4.58 -7.09 7.06
C TYR C 125 -3.65 -7.82 8.00
N PRO C 126 -3.30 -7.22 9.14
CA PRO C 126 -2.45 -7.91 10.11
C PRO C 126 -3.24 -8.92 10.94
N LEU C 127 -2.58 -10.01 11.27
CA LEU C 127 -3.15 -11.07 12.11
C LEU C 127 -2.31 -11.16 13.38
N ALA C 128 -2.75 -10.46 14.43
CA ALA C 128 -2.07 -10.47 15.71
C ALA C 128 -2.87 -11.23 16.75
N PRO C 129 -2.20 -11.98 17.64
CA PRO C 129 -2.94 -12.73 18.65
C PRO C 129 -3.51 -11.83 19.73
N GLY C 130 -4.72 -12.17 20.18
CA GLY C 130 -5.39 -11.39 21.21
C GLY C 130 -5.01 -11.83 22.61
N SER C 137 6.25 -18.58 24.65
CA SER C 137 7.46 -19.23 24.18
C SER C 137 7.69 -18.96 22.70
N MET C 138 6.71 -19.33 21.88
CA MET C 138 6.76 -19.11 20.44
C MET C 138 5.46 -18.46 20.01
N VAL C 139 5.53 -17.20 19.59
CA VAL C 139 4.36 -16.43 19.16
C VAL C 139 4.22 -16.54 17.65
N THR C 140 2.98 -16.73 17.18
CA THR C 140 2.68 -16.85 15.77
C THR C 140 1.95 -15.60 15.31
N LEU C 141 2.47 -14.96 14.27
CA LEU C 141 1.84 -13.81 13.63
C LEU C 141 1.41 -14.18 12.23
N GLY C 142 0.55 -13.34 11.64
CA GLY C 142 -0.02 -13.66 10.36
C GLY C 142 -0.27 -12.43 9.51
N CYS C 143 -0.67 -12.70 8.26
CA CYS C 143 -0.93 -11.64 7.29
C CYS C 143 -1.99 -12.14 6.32
N LEU C 144 -3.09 -11.41 6.22
CA LEU C 144 -4.23 -11.80 5.40
C LEU C 144 -4.27 -10.90 4.17
N VAL C 145 -4.08 -11.48 3.00
CA VAL C 145 -4.04 -10.76 1.73
C VAL C 145 -5.27 -11.20 0.94
N LYS C 146 -6.34 -10.42 1.01
CA LYS C 146 -7.60 -10.79 0.37
C LYS C 146 -8.07 -9.71 -0.59
N GLY C 147 -8.88 -10.14 -1.55
CA GLY C 147 -9.53 -9.22 -2.47
C GLY C 147 -8.69 -8.78 -3.65
N TYR C 148 -7.71 -9.56 -4.06
CA TYR C 148 -6.83 -9.18 -5.16
C TYR C 148 -7.09 -10.06 -6.38
N PHE C 149 -6.61 -9.57 -7.53
CA PHE C 149 -6.70 -10.24 -8.81
C PHE C 149 -5.82 -9.51 -9.82
N PRO C 150 -5.09 -10.21 -10.69
CA PRO C 150 -5.01 -11.68 -10.73
C PRO C 150 -3.77 -12.25 -10.06
N GLU C 151 -3.59 -13.56 -10.18
CA GLU C 151 -2.37 -14.20 -9.74
C GLU C 151 -1.18 -13.63 -10.53
N PRO C 152 0.03 -13.60 -9.94
CA PRO C 152 0.38 -14.02 -8.58
C PRO C 152 0.64 -12.87 -7.62
N VAL C 153 0.83 -13.22 -6.35
CA VAL C 153 1.23 -12.26 -5.32
C VAL C 153 2.28 -12.94 -4.45
N THR C 154 3.25 -12.16 -3.98
CA THR C 154 4.35 -12.68 -3.18
C THR C 154 4.28 -12.10 -1.77
N VAL C 155 4.48 -12.96 -0.77
CA VAL C 155 4.44 -12.56 0.62
C VAL C 155 5.75 -13.00 1.29
N THR C 156 6.43 -12.06 1.93
CA THR C 156 7.64 -12.33 2.69
C THR C 156 7.52 -11.67 4.05
N TRP C 157 8.47 -11.97 4.93
CA TRP C 157 8.48 -11.45 6.30
C TRP C 157 9.84 -10.82 6.57
N ASN C 158 9.85 -9.53 6.89
CA ASN C 158 11.07 -8.76 7.06
C ASN C 158 11.98 -8.88 5.84
N SER C 159 11.35 -8.91 4.66
CA SER C 159 12.06 -9.03 3.39
C SER C 159 12.96 -10.26 3.36
N GLY C 160 12.41 -11.39 3.79
CA GLY C 160 13.12 -12.65 3.75
C GLY C 160 13.98 -12.95 4.97
N SER C 161 14.17 -11.98 5.87
CA SER C 161 14.97 -12.23 7.06
C SER C 161 14.34 -13.31 7.94
N LEU C 162 13.03 -13.19 8.20
CA LEU C 162 12.27 -14.25 8.86
C LEU C 162 11.89 -15.27 7.79
N SER C 163 12.86 -16.13 7.45
CA SER C 163 12.68 -17.10 6.38
C SER C 163 12.03 -18.39 6.89
N SER C 164 12.64 -19.03 7.89
CA SER C 164 12.11 -20.26 8.43
C SER C 164 10.87 -19.97 9.28
N GLY C 165 10.13 -21.03 9.59
CA GLY C 165 8.91 -20.90 10.37
C GLY C 165 7.84 -20.10 9.68
N VAL C 166 7.80 -20.11 8.35
CA VAL C 166 6.85 -19.34 7.56
C VAL C 166 6.04 -20.31 6.71
N HIS C 167 4.73 -20.12 6.70
CA HIS C 167 3.81 -20.92 5.88
C HIS C 167 2.95 -19.97 5.07
N THR C 168 3.17 -19.94 3.75
CA THR C 168 2.35 -19.16 2.83
C THR C 168 1.43 -20.12 2.10
N PHE C 169 0.15 -20.10 2.46
CA PHE C 169 -0.83 -21.02 1.90
C PHE C 169 -1.25 -20.59 0.51
N PRO C 170 -1.71 -21.52 -0.32
CA PRO C 170 -2.16 -21.15 -1.67
C PRO C 170 -3.36 -20.22 -1.64
N ALA C 171 -3.66 -19.65 -2.81
CA ALA C 171 -4.74 -18.69 -2.94
C ALA C 171 -6.05 -19.39 -3.27
N VAL C 172 -7.13 -18.93 -2.65
CA VAL C 172 -8.47 -19.44 -2.90
C VAL C 172 -9.28 -18.35 -3.58
N LEU C 173 -10.22 -18.78 -4.42
CA LEU C 173 -11.01 -17.87 -5.25
C LEU C 173 -12.39 -17.71 -4.63
N GLN C 174 -12.63 -16.54 -4.04
CA GLN C 174 -13.94 -16.19 -3.50
C GLN C 174 -14.40 -14.87 -4.13
N SER C 175 -15.66 -14.83 -4.56
CA SER C 175 -16.24 -13.65 -5.21
C SER C 175 -15.42 -13.24 -6.42
N ASP C 176 -14.88 -14.23 -7.14
CA ASP C 176 -14.03 -14.03 -8.31
C ASP C 176 -12.77 -13.23 -7.98
N LEU C 177 -12.42 -13.11 -6.71
CA LEU C 177 -11.17 -12.50 -6.28
C LEU C 177 -10.37 -13.50 -5.45
N TYR C 178 -9.07 -13.28 -5.39
CA TYR C 178 -8.17 -14.21 -4.71
C TYR C 178 -7.93 -13.77 -3.27
N THR C 179 -7.86 -14.74 -2.37
CA THR C 179 -7.61 -14.51 -0.96
C THR C 179 -6.44 -15.37 -0.51
N LEU C 180 -5.54 -14.77 0.27
CA LEU C 180 -4.30 -15.42 0.68
C LEU C 180 -4.07 -15.19 2.16
N SER C 181 -3.33 -16.11 2.78
CA SER C 181 -2.95 -15.99 4.18
C SER C 181 -1.56 -16.56 4.38
N SER C 182 -0.78 -15.92 5.24
CA SER C 182 0.60 -16.33 5.50
C SER C 182 0.89 -16.17 6.98
N SER C 183 1.50 -17.19 7.58
CA SER C 183 1.83 -17.19 9.00
C SER C 183 3.34 -17.24 9.19
N VAL C 184 3.79 -16.66 10.30
CA VAL C 184 5.20 -16.70 10.69
C VAL C 184 5.26 -17.00 12.18
N THR C 185 6.17 -17.89 12.57
CA THR C 185 6.35 -18.29 13.96
C THR C 185 7.72 -17.80 14.42
N VAL C 186 7.72 -16.82 15.32
CA VAL C 186 8.95 -16.22 15.82
C VAL C 186 8.98 -16.40 17.33
N PRO C 187 10.17 -16.40 17.93
CA PRO C 187 10.24 -16.51 19.40
C PRO C 187 9.51 -15.37 20.09
N SER C 188 9.01 -15.66 21.29
CA SER C 188 8.22 -14.68 22.03
C SER C 188 9.05 -13.49 22.51
N SER C 189 10.37 -13.62 22.53
CA SER C 189 11.24 -12.52 22.95
C SER C 189 11.58 -11.56 21.82
N THR C 190 11.36 -11.97 20.58
CA THR C 190 11.67 -11.13 19.42
C THR C 190 10.50 -10.27 18.98
N TRP C 191 9.36 -10.36 19.66
CA TRP C 191 8.17 -9.59 19.30
C TRP C 191 7.29 -9.48 20.52
N PRO C 192 6.70 -8.30 20.80
CA PRO C 192 6.83 -7.07 20.01
C PRO C 192 8.07 -6.25 20.36
N SER C 193 9.05 -6.87 21.00
CA SER C 193 10.28 -6.15 21.35
C SER C 193 10.98 -5.64 20.09
N GLU C 194 10.98 -6.44 19.03
CA GLU C 194 11.47 -6.02 17.73
C GLU C 194 10.26 -5.76 16.81
N THR C 195 10.51 -5.69 15.51
CA THR C 195 9.45 -5.41 14.53
C THR C 195 9.34 -6.57 13.56
N VAL C 196 8.10 -7.01 13.33
CA VAL C 196 7.80 -8.06 12.36
C VAL C 196 6.92 -7.43 11.28
N THR C 197 7.45 -7.31 10.08
CA THR C 197 6.76 -6.66 8.98
C THR C 197 6.37 -7.69 7.93
N CYS C 198 5.21 -7.51 7.33
CA CYS C 198 4.69 -8.39 6.28
C CYS C 198 4.77 -7.66 4.94
N ASN C 199 5.54 -8.21 4.01
CA ASN C 199 5.77 -7.58 2.72
C ASN C 199 4.92 -8.29 1.67
N VAL C 200 3.97 -7.56 1.08
CA VAL C 200 3.09 -8.08 0.05
C VAL C 200 3.40 -7.36 -1.26
N ALA C 201 3.64 -8.13 -2.31
CA ALA C 201 4.00 -7.58 -3.61
C ALA C 201 3.05 -8.15 -4.67
N HIS C 202 2.23 -7.28 -5.25
CA HIS C 202 1.31 -7.64 -6.32
C HIS C 202 1.78 -6.95 -7.60
N PRO C 203 2.57 -7.64 -8.44
CA PRO C 203 3.11 -6.97 -9.64
C PRO C 203 2.07 -6.67 -10.69
N ALA C 204 0.95 -7.39 -10.72
CA ALA C 204 -0.05 -7.18 -11.77
C ALA C 204 -0.66 -5.79 -11.70
N SER C 205 -0.79 -5.23 -10.50
CA SER C 205 -1.33 -3.89 -10.31
C SER C 205 -0.27 -2.89 -9.88
N SER C 206 1.00 -3.30 -9.86
CA SER C 206 2.11 -2.43 -9.44
C SER C 206 1.88 -1.90 -8.03
N THR C 207 1.73 -2.83 -7.08
CA THR C 207 1.42 -2.51 -5.71
C THR C 207 2.36 -3.25 -4.77
N LYS C 208 2.88 -2.54 -3.77
CA LYS C 208 3.71 -3.13 -2.72
C LYS C 208 3.24 -2.58 -1.39
N VAL C 209 2.82 -3.47 -0.48
CA VAL C 209 2.28 -3.09 0.81
C VAL C 209 3.18 -3.68 1.90
N ASP C 210 3.43 -2.89 2.94
CA ASP C 210 4.18 -3.33 4.11
C ASP C 210 3.30 -3.11 5.34
N LYS C 211 2.91 -4.21 5.97
CA LYS C 211 2.05 -4.18 7.15
C LYS C 211 2.86 -4.60 8.36
N LYS C 212 3.01 -3.69 9.32
CA LYS C 212 3.73 -3.99 10.56
C LYS C 212 2.75 -4.56 11.58
N ILE C 213 3.01 -5.78 12.03
CA ILE C 213 2.13 -6.45 12.98
C ILE C 213 2.35 -5.84 14.36
N VAL C 214 1.31 -5.20 14.89
CA VAL C 214 1.35 -4.52 16.18
C VAL C 214 0.38 -5.21 17.12
N PRO C 215 0.75 -5.45 18.38
CA PRO C 215 -0.18 -6.11 19.31
C PRO C 215 -1.47 -5.32 19.48
N ARG C 216 -2.54 -6.05 19.77
CA ARG C 216 -3.86 -5.45 19.94
C ARG C 216 -4.00 -4.84 21.33
N ASP C 217 -4.74 -3.73 21.38
CA ASP C 217 -5.00 -3.07 22.65
C ASP C 217 -6.46 -3.27 23.08
N ASP D 1 -10.72 -43.79 -26.56
CA ASP D 1 -11.33 -43.74 -25.24
C ASP D 1 -11.10 -45.05 -24.48
N ILE D 2 -9.83 -45.39 -24.29
CA ILE D 2 -9.45 -46.59 -23.55
C ILE D 2 -9.25 -46.20 -22.09
N VAL D 3 -10.10 -46.74 -21.21
CA VAL D 3 -10.04 -46.40 -19.79
C VAL D 3 -8.75 -46.93 -19.19
N LEU D 4 -7.79 -46.05 -18.97
CA LEU D 4 -6.50 -46.39 -18.36
C LEU D 4 -6.60 -46.06 -16.87
N THR D 5 -7.12 -46.99 -16.09
CA THR D 5 -7.21 -46.77 -14.65
C THR D 5 -5.83 -46.96 -14.02
N GLN D 6 -5.55 -46.18 -13.00
CA GLN D 6 -4.24 -46.21 -12.36
C GLN D 6 -4.43 -46.18 -10.86
N SER D 7 -3.80 -47.13 -10.17
CA SER D 7 -4.00 -47.31 -8.74
C SER D 7 -2.66 -47.61 -8.08
N PRO D 8 -2.54 -47.34 -6.76
CA PRO D 8 -3.54 -46.67 -5.92
C PRO D 8 -3.59 -45.16 -6.17
N ALA D 9 -4.54 -44.47 -5.55
CA ALA D 9 -4.67 -43.02 -5.71
C ALA D 9 -3.40 -42.33 -5.25
N ILE D 10 -3.18 -42.29 -3.93
CA ILE D 10 -1.94 -41.80 -3.35
C ILE D 10 -1.37 -42.89 -2.45
N LEU D 11 -0.08 -42.79 -2.17
CA LEU D 11 0.58 -43.72 -1.27
C LEU D 11 1.82 -43.05 -0.70
N SER D 12 2.01 -43.21 0.62
CA SER D 12 3.12 -42.61 1.34
C SER D 12 4.17 -43.67 1.64
N VAL D 13 5.40 -43.43 1.22
CA VAL D 13 6.51 -44.35 1.44
C VAL D 13 7.68 -43.59 2.06
N THR D 14 8.52 -44.33 2.76
CA THR D 14 9.70 -43.77 3.40
C THR D 14 10.84 -43.65 2.39
N PRO D 15 11.57 -42.53 2.38
CA PRO D 15 12.69 -42.38 1.45
C PRO D 15 13.73 -43.49 1.58
N GLY D 16 13.47 -44.62 0.94
CA GLY D 16 14.38 -45.75 1.00
C GLY D 16 13.75 -47.03 0.48
N ASP D 17 12.44 -47.17 0.65
CA ASP D 17 11.73 -48.37 0.22
C ASP D 17 11.49 -48.34 -1.29
N SER D 18 10.99 -49.45 -1.80
CA SER D 18 10.64 -49.61 -3.21
C SER D 18 9.14 -49.43 -3.40
N VAL D 19 8.75 -49.03 -4.62
CA VAL D 19 7.37 -48.68 -4.92
C VAL D 19 6.93 -49.36 -6.20
N SER D 20 5.68 -49.85 -6.20
CA SER D 20 5.05 -50.42 -7.38
C SER D 20 3.71 -49.74 -7.61
N LEU D 21 3.51 -49.22 -8.83
CA LEU D 21 2.30 -48.51 -9.21
C LEU D 21 1.63 -49.26 -10.36
N SER D 22 0.34 -49.58 -10.18
CA SER D 22 -0.39 -50.40 -11.15
C SER D 22 -1.14 -49.52 -12.14
N CYS D 23 -1.00 -49.84 -13.42
CA CYS D 23 -1.75 -49.19 -14.50
C CYS D 23 -2.47 -50.29 -15.28
N ARG D 24 -3.80 -50.29 -15.22
CA ARG D 24 -4.62 -51.31 -15.85
C ARG D 24 -5.44 -50.67 -16.96
N ALA D 25 -5.40 -51.27 -18.15
CA ALA D 25 -6.18 -50.78 -19.27
C ALA D 25 -7.50 -51.55 -19.37
N SER D 26 -8.45 -50.96 -20.08
CA SER D 26 -9.71 -51.66 -20.36
C SER D 26 -9.54 -52.60 -21.54
N GLN D 27 -9.31 -52.03 -22.72
CA GLN D 27 -8.98 -52.82 -23.90
C GLN D 27 -7.51 -53.20 -23.86
N SER D 28 -7.09 -54.00 -24.85
CA SER D 28 -5.70 -54.42 -24.97
C SER D 28 -4.89 -53.35 -25.69
N VAL D 29 -3.99 -52.70 -24.95
CA VAL D 29 -3.08 -51.71 -25.52
C VAL D 29 -1.78 -52.35 -26.00
N SER D 30 -1.72 -53.68 -26.07
CA SER D 30 -0.52 -54.41 -26.52
C SER D 30 0.64 -54.04 -25.62
N SER D 31 1.78 -53.55 -26.14
CA SER D 31 2.91 -53.17 -25.31
C SER D 31 3.24 -51.69 -25.42
N ASN D 32 2.30 -50.88 -25.89
CA ASN D 32 2.50 -49.45 -26.10
C ASN D 32 1.92 -48.71 -24.90
N LEU D 33 2.77 -48.46 -23.90
CA LEU D 33 2.35 -47.73 -22.71
C LEU D 33 3.57 -47.12 -22.06
N HIS D 34 3.62 -45.80 -21.98
CA HIS D 34 4.75 -45.07 -21.44
C HIS D 34 4.40 -44.47 -20.08
N TRP D 35 5.43 -44.15 -19.31
CA TRP D 35 5.30 -43.58 -17.98
C TRP D 35 5.95 -42.21 -17.94
N TYR D 36 5.28 -41.27 -17.28
CA TYR D 36 5.76 -39.90 -17.13
C TYR D 36 5.77 -39.51 -15.65
N GLN D 37 6.80 -38.77 -15.27
CA GLN D 37 6.93 -38.23 -13.92
C GLN D 37 6.73 -36.71 -13.97
N GLN D 38 5.87 -36.20 -13.09
CA GLN D 38 5.61 -34.76 -12.99
C GLN D 38 5.76 -34.35 -11.53
N ARG D 39 6.82 -33.60 -11.24
CA ARG D 39 7.04 -33.13 -9.88
C ARG D 39 6.16 -31.91 -9.59
N SER D 40 6.17 -31.50 -8.33
CA SER D 40 5.32 -30.40 -7.89
C SER D 40 5.69 -29.10 -8.60
N HIS D 41 4.71 -28.52 -9.29
CA HIS D 41 4.89 -27.24 -10.01
C HIS D 41 5.99 -27.35 -11.06
N GLU D 42 5.99 -28.46 -11.80
CA GLU D 42 6.90 -28.67 -12.91
C GLU D 42 6.12 -29.24 -14.08
N SER D 43 6.83 -29.49 -15.18
CA SER D 43 6.28 -30.13 -16.36
C SER D 43 6.59 -31.62 -16.36
N PRO D 44 5.75 -32.44 -16.98
CA PRO D 44 6.00 -33.89 -16.98
C PRO D 44 7.29 -34.23 -17.70
N ARG D 45 7.95 -35.29 -17.20
CA ARG D 45 9.19 -35.80 -17.78
C ARG D 45 9.01 -37.25 -18.16
N LEU D 46 9.63 -37.64 -19.28
CA LEU D 46 9.50 -39.00 -19.79
C LEU D 46 10.38 -39.95 -19.00
N LEU D 47 9.82 -41.11 -18.62
CA LEU D 47 10.57 -42.12 -17.90
C LEU D 47 10.71 -43.34 -18.79
N ILE D 48 9.82 -44.32 -18.71
CA ILE D 48 9.93 -45.56 -19.47
C ILE D 48 9.02 -45.48 -20.68
N THR D 49 9.52 -45.90 -21.83
CA THR D 49 8.75 -45.97 -23.07
C THR D 49 8.45 -47.41 -23.41
N TYR D 50 7.23 -47.68 -23.86
CA TYR D 50 6.77 -49.00 -24.27
C TYR D 50 6.96 -50.03 -23.15
N ALA D 51 6.18 -49.82 -22.09
CA ALA D 51 6.06 -50.75 -20.97
C ALA D 51 7.37 -50.93 -20.19
N PHE D 52 8.46 -51.30 -20.87
CA PHE D 52 9.69 -51.65 -20.18
C PHE D 52 10.95 -51.02 -20.75
N GLN D 53 10.93 -50.52 -21.98
CA GLN D 53 12.15 -50.02 -22.61
C GLN D 53 12.59 -48.73 -21.96
N SER D 54 13.79 -48.74 -21.37
CA SER D 54 14.31 -47.57 -20.67
C SER D 54 14.81 -46.53 -21.67
N ILE D 55 14.91 -45.29 -21.20
CA ILE D 55 15.38 -44.18 -22.02
C ILE D 55 16.65 -43.61 -21.37
N SER D 56 17.47 -42.95 -22.19
CA SER D 56 18.71 -42.36 -21.72
C SER D 56 18.42 -41.10 -20.92
N GLY D 57 19.02 -41.00 -19.74
CA GLY D 57 18.83 -39.84 -18.90
C GLY D 57 18.26 -40.18 -17.54
N ILE D 58 17.22 -41.00 -17.51
CA ILE D 58 16.57 -41.40 -16.26
C ILE D 58 17.53 -42.30 -15.47
N PRO D 59 17.51 -42.25 -14.14
CA PRO D 59 18.35 -43.16 -13.36
C PRO D 59 17.89 -44.60 -13.52
N SER D 60 18.79 -45.53 -13.16
CA SER D 60 18.50 -46.95 -13.31
C SER D 60 17.54 -47.47 -12.27
N ARG D 61 17.13 -46.66 -11.30
CA ARG D 61 16.23 -47.11 -10.24
C ARG D 61 14.79 -47.29 -10.73
N PHE D 62 14.44 -46.75 -11.89
CA PHE D 62 13.10 -46.86 -12.45
C PHE D 62 13.05 -47.95 -13.51
N SER D 63 11.99 -48.76 -13.48
CA SER D 63 11.81 -49.77 -14.51
C SER D 63 10.36 -50.25 -14.49
N GLY D 64 9.83 -50.56 -15.67
CA GLY D 64 8.45 -51.00 -15.80
C GLY D 64 8.38 -52.44 -16.27
N ASN D 65 7.34 -53.16 -15.83
CA ASN D 65 7.10 -54.52 -16.27
C ASN D 65 5.61 -54.74 -16.47
N GLY D 66 5.25 -55.43 -17.55
CA GLY D 66 3.85 -55.69 -17.85
C GLY D 66 3.54 -55.53 -19.32
N SER D 67 2.32 -55.91 -19.70
CA SER D 67 1.93 -55.88 -21.11
C SER D 67 0.45 -56.23 -21.20
N GLY D 68 -0.14 -55.87 -22.34
CA GLY D 68 -1.53 -56.20 -22.62
C GLY D 68 -2.52 -55.29 -21.92
N THR D 69 -2.90 -55.65 -20.69
CA THR D 69 -3.87 -54.89 -19.93
C THR D 69 -3.45 -54.66 -18.49
N ASP D 70 -2.23 -55.07 -18.12
CA ASP D 70 -1.72 -54.87 -16.77
C ASP D 70 -0.27 -54.43 -16.85
N PHE D 71 0.07 -53.33 -16.19
CA PHE D 71 1.42 -52.79 -16.18
C PHE D 71 1.75 -52.35 -14.76
N THR D 72 3.05 -52.34 -14.44
CA THR D 72 3.51 -51.95 -13.12
C THR D 72 4.81 -51.18 -13.25
N LEU D 73 4.83 -49.96 -12.70
CA LEU D 73 6.04 -49.16 -12.62
C LEU D 73 6.70 -49.40 -11.27
N ASN D 74 7.99 -49.71 -11.29
CA ASN D 74 8.75 -50.08 -10.10
C ASN D 74 9.89 -49.09 -9.90
N ILE D 75 9.97 -48.55 -8.69
CA ILE D 75 11.07 -47.70 -8.25
C ILE D 75 11.84 -48.48 -7.20
N ASN D 76 13.13 -48.71 -7.48
CA ASN D 76 13.94 -49.61 -6.66
C ASN D 76 14.24 -49.02 -5.29
N SER D 77 14.65 -47.75 -5.25
CA SER D 77 14.94 -47.08 -3.98
C SER D 77 14.54 -45.61 -4.13
N VAL D 78 13.39 -45.27 -3.56
CA VAL D 78 12.83 -43.92 -3.72
C VAL D 78 13.71 -42.93 -2.95
N GLU D 79 14.33 -42.01 -3.67
CA GLU D 79 15.10 -40.94 -3.06
C GLU D 79 14.22 -39.71 -2.91
N THR D 80 14.83 -38.54 -2.72
CA THR D 80 14.05 -37.32 -2.51
C THR D 80 13.46 -36.80 -3.82
N GLU D 81 14.24 -36.79 -4.89
CA GLU D 81 13.80 -36.26 -6.18
C GLU D 81 12.80 -37.15 -6.90
N ASP D 82 12.18 -38.14 -6.25
CA ASP D 82 11.27 -39.07 -6.92
C ASP D 82 9.83 -38.92 -6.47
N PHE D 83 9.52 -37.91 -5.65
CA PHE D 83 8.18 -37.73 -5.13
C PHE D 83 7.39 -36.79 -6.03
N GLY D 84 6.18 -37.21 -6.39
CA GLY D 84 5.32 -36.40 -7.25
C GLY D 84 4.23 -37.26 -7.88
N MET D 85 3.80 -36.83 -9.06
CA MET D 85 2.77 -37.51 -9.83
C MET D 85 3.40 -38.43 -10.87
N TYR D 86 2.76 -39.56 -11.10
CA TYR D 86 3.20 -40.52 -12.11
C TYR D 86 2.01 -40.91 -12.97
N PHE D 87 2.11 -40.68 -14.28
CA PHE D 87 1.04 -40.95 -15.22
C PHE D 87 1.46 -42.03 -16.20
N CYS D 88 0.49 -42.83 -16.64
CA CYS D 88 0.70 -43.82 -17.70
C CYS D 88 -0.16 -43.45 -18.90
N GLN D 89 0.46 -43.44 -20.08
CA GLN D 89 -0.22 -43.03 -21.31
C GLN D 89 -0.01 -44.11 -22.38
N GLN D 90 -1.10 -44.55 -22.99
CA GLN D 90 -1.03 -45.54 -24.05
C GLN D 90 -0.84 -44.86 -25.40
N SER D 91 -0.23 -45.59 -26.32
CA SER D 91 0.02 -45.11 -27.67
C SER D 91 -0.45 -46.15 -28.70
N ASN D 92 -1.62 -46.73 -28.46
CA ASN D 92 -2.12 -47.80 -29.32
C ASN D 92 -3.11 -47.28 -30.35
N SER D 93 -4.37 -47.13 -29.95
CA SER D 93 -5.43 -46.65 -30.85
C SER D 93 -5.77 -45.20 -30.52
N TRP D 94 -6.70 -44.65 -31.31
CA TRP D 94 -7.08 -43.25 -31.13
C TRP D 94 -8.35 -43.14 -30.29
N PRO D 95 -8.45 -42.12 -29.43
CA PRO D 95 -7.38 -41.15 -29.19
C PRO D 95 -6.43 -41.60 -28.08
N TYR D 96 -5.26 -40.96 -27.98
CA TYR D 96 -4.37 -41.22 -26.87
C TYR D 96 -5.04 -40.84 -25.56
N THR D 97 -4.87 -41.66 -24.54
CA THR D 97 -5.46 -41.42 -23.23
C THR D 97 -4.39 -41.47 -22.16
N PHE D 98 -4.65 -40.76 -21.07
CA PHE D 98 -3.77 -40.71 -19.91
C PHE D 98 -4.44 -41.38 -18.71
N GLY D 99 -3.61 -41.88 -17.80
CA GLY D 99 -4.12 -42.51 -16.61
C GLY D 99 -4.71 -41.51 -15.64
N GLY D 100 -5.40 -42.05 -14.63
CA GLY D 100 -6.02 -41.21 -13.62
C GLY D 100 -5.03 -40.46 -12.74
N GLY D 101 -3.79 -40.91 -12.70
CA GLY D 101 -2.78 -40.27 -11.90
C GLY D 101 -2.56 -40.99 -10.58
N THR D 102 -1.31 -40.96 -10.11
CA THR D 102 -0.94 -41.59 -8.84
C THR D 102 0.07 -40.69 -8.14
N LYS D 103 -0.34 -40.11 -7.01
CA LYS D 103 0.54 -39.27 -6.24
C LYS D 103 1.46 -40.12 -5.36
N LEU D 104 2.61 -39.55 -4.98
CA LEU D 104 3.63 -40.27 -4.23
C LEU D 104 4.16 -39.34 -3.14
N GLU D 105 3.42 -39.24 -2.03
CA GLU D 105 3.83 -38.40 -0.93
C GLU D 105 4.83 -39.14 -0.04
N ILE D 106 5.32 -38.44 0.98
CA ILE D 106 6.36 -38.95 1.86
C ILE D 106 5.75 -39.43 3.17
N LYS D 107 6.29 -40.52 3.70
CA LYS D 107 5.85 -41.06 4.98
C LYS D 107 6.60 -40.38 6.12
N ARG D 108 5.85 -40.07 7.18
CA ARG D 108 6.43 -39.38 8.34
C ARG D 108 5.66 -39.78 9.59
N ALA D 109 6.30 -39.62 10.74
CA ALA D 109 5.63 -39.83 12.01
C ALA D 109 4.48 -38.84 12.17
N ASP D 110 3.37 -39.31 12.73
CA ASP D 110 2.19 -38.48 12.88
C ASP D 110 2.47 -37.31 13.80
N ALA D 111 2.20 -36.11 13.32
CA ALA D 111 2.44 -34.87 14.06
C ALA D 111 1.12 -34.20 14.40
N ALA D 112 1.06 -33.61 15.59
CA ALA D 112 -0.13 -32.89 16.01
C ALA D 112 -0.11 -31.46 15.44
N PRO D 113 -1.23 -30.96 14.96
CA PRO D 113 -1.25 -29.61 14.38
C PRO D 113 -1.16 -28.53 15.44
N THR D 114 -0.35 -27.51 15.17
CA THR D 114 -0.25 -26.34 16.02
C THR D 114 -1.30 -25.34 15.56
N VAL D 115 -2.30 -25.08 16.39
CA VAL D 115 -3.46 -24.28 16.02
C VAL D 115 -3.30 -22.87 16.58
N SER D 116 -3.64 -21.88 15.76
CA SER D 116 -3.57 -20.48 16.15
C SER D 116 -4.74 -19.72 15.55
N ILE D 117 -5.53 -19.07 16.39
CA ILE D 117 -6.71 -18.32 15.96
C ILE D 117 -6.39 -16.83 16.03
N PHE D 118 -6.94 -16.07 15.07
CA PHE D 118 -6.66 -14.66 14.93
C PHE D 118 -7.95 -13.89 14.63
N PRO D 119 -8.23 -12.84 15.39
CA PRO D 119 -9.44 -12.03 15.14
C PRO D 119 -9.25 -11.13 13.94
N PRO D 120 -10.33 -10.57 13.40
CA PRO D 120 -10.19 -9.62 12.29
C PRO D 120 -9.47 -8.35 12.74
N SER D 121 -8.78 -7.73 11.80
CA SER D 121 -8.05 -6.51 12.06
C SER D 121 -8.97 -5.30 12.03
N SER D 122 -8.55 -4.23 12.69
CA SER D 122 -9.31 -2.98 12.64
C SER D 122 -9.31 -2.39 11.23
N GLU D 123 -8.23 -2.58 10.48
CA GLU D 123 -8.19 -2.10 9.10
C GLU D 123 -9.29 -2.72 8.26
N GLN D 124 -9.54 -4.02 8.46
CA GLN D 124 -10.62 -4.68 7.72
C GLN D 124 -11.99 -4.22 8.21
N LEU D 125 -12.16 -4.12 9.53
CA LEU D 125 -13.42 -3.67 10.09
C LEU D 125 -13.77 -2.26 9.64
N THR D 126 -12.77 -1.45 9.27
CA THR D 126 -13.04 -0.14 8.68
C THR D 126 -13.83 -0.28 7.38
N SER D 127 -13.47 -1.24 6.54
CA SER D 127 -14.11 -1.42 5.24
C SER D 127 -15.49 -2.05 5.34
N GLY D 128 -15.86 -2.62 6.49
CA GLY D 128 -17.16 -3.21 6.68
C GLY D 128 -17.22 -4.72 6.66
N GLY D 129 -16.08 -5.40 6.71
CA GLY D 129 -16.04 -6.85 6.77
C GLY D 129 -15.27 -7.32 7.99
N ALA D 130 -15.21 -8.65 8.13
CA ALA D 130 -14.46 -9.26 9.21
C ALA D 130 -14.05 -10.67 8.77
N SER D 131 -12.85 -11.07 9.17
CA SER D 131 -12.32 -12.38 8.81
C SER D 131 -11.56 -12.95 10.00
N VAL D 132 -12.07 -14.06 10.54
CA VAL D 132 -11.38 -14.78 11.60
C VAL D 132 -10.54 -15.87 10.96
N VAL D 133 -9.25 -15.90 11.30
CA VAL D 133 -8.31 -16.81 10.65
C VAL D 133 -7.90 -17.89 11.65
N CYS D 134 -7.63 -19.08 11.13
CA CYS D 134 -7.21 -20.22 11.95
C CYS D 134 -6.13 -20.96 11.18
N PHE D 135 -4.90 -20.92 11.70
CA PHE D 135 -3.77 -21.60 11.11
C PHE D 135 -3.56 -22.93 11.82
N LEU D 136 -3.33 -23.99 11.04
CA LEU D 136 -3.06 -25.32 11.54
C LEU D 136 -1.70 -25.71 10.95
N ASN D 137 -0.63 -25.38 11.67
CA ASN D 137 0.73 -25.53 11.16
C ASN D 137 1.32 -26.86 11.56
N ASN D 138 1.97 -27.51 10.59
CA ASN D 138 2.77 -28.71 10.79
C ASN D 138 1.97 -29.88 11.38
N PHE D 139 1.36 -30.68 10.51
CA PHE D 139 0.68 -31.89 10.93
C PHE D 139 0.80 -32.93 9.83
N TYR D 140 0.55 -34.19 10.20
CA TYR D 140 0.63 -35.31 9.26
C TYR D 140 -0.37 -36.38 9.70
N PRO D 141 -1.14 -36.95 8.77
CA PRO D 141 -1.11 -36.68 7.32
C PRO D 141 -1.95 -35.46 6.91
N LYS D 142 -2.20 -35.34 5.59
CA LYS D 142 -2.91 -34.18 5.09
C LYS D 142 -4.38 -34.17 5.52
N ASP D 143 -4.95 -35.34 5.78
CA ASP D 143 -6.35 -35.43 6.17
C ASP D 143 -6.57 -34.78 7.52
N ILE D 144 -7.44 -33.78 7.57
CA ILE D 144 -7.73 -33.06 8.80
C ILE D 144 -9.04 -32.30 8.59
N ASN D 145 -9.78 -32.09 9.67
CA ASN D 145 -11.05 -31.38 9.58
C ASN D 145 -11.06 -30.22 10.59
N VAL D 146 -11.89 -29.23 10.30
CA VAL D 146 -11.97 -28.02 11.11
C VAL D 146 -13.40 -27.51 11.10
N LYS D 147 -13.91 -27.19 12.28
CA LYS D 147 -15.25 -26.62 12.44
C LYS D 147 -15.18 -25.27 13.13
N TRP D 148 -16.04 -24.36 12.69
CA TRP D 148 -16.13 -23.01 13.23
C TRP D 148 -17.40 -22.89 14.07
N LYS D 149 -17.27 -22.32 15.26
CA LYS D 149 -18.39 -22.16 16.17
C LYS D 149 -18.47 -20.71 16.63
N ILE D 150 -19.61 -20.07 16.35
CA ILE D 150 -19.91 -18.73 16.84
C ILE D 150 -20.86 -18.89 18.01
N ASP D 151 -20.44 -18.41 19.18
CA ASP D 151 -21.21 -18.55 20.42
C ASP D 151 -21.59 -20.00 20.68
N GLY D 152 -20.66 -20.91 20.38
CA GLY D 152 -20.88 -22.33 20.55
C GLY D 152 -21.66 -23.00 19.44
N SER D 153 -22.40 -22.24 18.63
CA SER D 153 -23.20 -22.81 17.56
C SER D 153 -22.38 -22.90 16.28
N GLU D 154 -22.40 -24.07 15.65
CA GLU D 154 -21.59 -24.29 14.46
C GLU D 154 -22.08 -23.44 13.29
N ARG D 155 -21.13 -22.85 12.56
CA ARG D 155 -21.42 -22.11 11.34
C ARG D 155 -20.75 -22.80 10.16
N GLN D 156 -21.48 -22.95 9.07
CA GLN D 156 -21.02 -23.65 7.88
C GLN D 156 -20.62 -22.70 6.75
N ASN D 157 -21.51 -21.78 6.37
CA ASN D 157 -21.27 -20.93 5.22
C ASN D 157 -20.34 -19.78 5.57
N GLY D 158 -19.45 -19.46 4.64
CA GLY D 158 -18.49 -18.40 4.82
C GLY D 158 -17.08 -18.85 5.20
N VAL D 159 -16.79 -20.14 5.08
CA VAL D 159 -15.49 -20.69 5.46
C VAL D 159 -14.74 -21.10 4.21
N LEU D 160 -13.46 -20.75 4.15
CA LEU D 160 -12.57 -21.15 3.06
C LEU D 160 -11.33 -21.83 3.64
N ASN D 161 -10.93 -22.93 3.03
CA ASN D 161 -9.78 -23.70 3.46
C ASN D 161 -8.72 -23.73 2.37
N SER D 162 -7.45 -23.78 2.79
CA SER D 162 -6.33 -23.83 1.87
C SER D 162 -5.24 -24.71 2.46
N TRP D 163 -4.79 -25.70 1.68
CA TRP D 163 -3.77 -26.65 2.10
C TRP D 163 -2.45 -26.33 1.39
N THR D 164 -1.37 -26.33 2.14
CA THR D 164 -0.04 -26.22 1.55
C THR D 164 0.44 -27.59 1.07
N ASP D 165 1.40 -27.56 0.15
CA ASP D 165 2.05 -28.80 -0.26
C ASP D 165 2.89 -29.36 0.89
N GLN D 166 3.30 -30.62 0.73
CA GLN D 166 4.10 -31.25 1.76
C GLN D 166 5.44 -30.53 1.90
N ASP D 167 5.83 -30.25 3.14
CA ASP D 167 7.03 -29.47 3.40
C ASP D 167 8.27 -30.24 2.93
N SER D 168 9.28 -29.47 2.49
CA SER D 168 10.54 -30.02 2.02
C SER D 168 11.60 -30.10 3.11
N LYS D 169 11.19 -30.00 4.38
CA LYS D 169 12.12 -30.11 5.50
C LYS D 169 11.55 -31.02 6.58
N ASP D 170 10.44 -30.62 7.18
CA ASP D 170 9.78 -31.42 8.19
C ASP D 170 8.73 -32.37 7.61
N SER D 171 8.40 -32.22 6.33
CA SER D 171 7.48 -33.14 5.64
C SER D 171 6.09 -33.16 6.30
N THR D 172 5.66 -32.01 6.79
CA THR D 172 4.35 -31.88 7.43
C THR D 172 3.48 -30.92 6.62
N TYR D 173 2.18 -31.23 6.57
CA TYR D 173 1.23 -30.38 5.87
C TYR D 173 0.70 -29.30 6.82
N SER D 174 0.29 -28.18 6.23
CA SER D 174 -0.30 -27.08 6.97
C SER D 174 -1.62 -26.67 6.31
N MET D 175 -2.48 -26.02 7.08
CA MET D 175 -3.79 -25.64 6.58
C MET D 175 -4.17 -24.26 7.11
N SER D 176 -4.99 -23.55 6.33
CA SER D 176 -5.49 -22.24 6.71
C SER D 176 -7.00 -22.22 6.50
N SER D 177 -7.73 -21.82 7.55
CA SER D 177 -9.19 -21.73 7.50
C SER D 177 -9.62 -20.31 7.83
N THR D 178 -10.35 -19.68 6.93
CA THR D 178 -10.77 -18.29 7.09
C THR D 178 -12.29 -18.23 7.06
N LEU D 179 -12.88 -17.69 8.14
CA LEU D 179 -14.31 -17.45 8.22
C LEU D 179 -14.56 -15.97 8.00
N THR D 180 -15.29 -15.64 6.94
CA THR D 180 -15.51 -14.26 6.53
C THR D 180 -16.97 -13.88 6.77
N LEU D 181 -17.18 -12.88 7.61
CA LEU D 181 -18.50 -12.34 7.92
C LEU D 181 -18.52 -10.85 7.61
N THR D 182 -19.71 -10.26 7.72
CA THR D 182 -19.81 -8.81 7.64
C THR D 182 -19.39 -8.19 8.97
N LYS D 183 -19.16 -6.88 8.96
CA LYS D 183 -18.79 -6.19 10.20
C LYS D 183 -19.92 -6.22 11.20
N ASP D 184 -21.15 -5.99 10.76
CA ASP D 184 -22.28 -5.96 11.68
C ASP D 184 -22.52 -7.33 12.30
N GLU D 185 -22.54 -8.39 11.48
CA GLU D 185 -22.76 -9.73 12.01
C GLU D 185 -21.63 -10.16 12.94
N TYR D 186 -20.42 -9.65 12.71
CA TYR D 186 -19.30 -9.99 13.59
C TYR D 186 -19.47 -9.38 14.97
N GLU D 187 -20.00 -8.17 15.03
CA GLU D 187 -20.14 -7.46 16.30
C GLU D 187 -21.47 -7.70 16.99
N ARG D 188 -22.28 -8.65 16.50
CA ARG D 188 -23.48 -9.08 17.20
C ARG D 188 -23.24 -10.33 18.04
N HIS D 189 -22.05 -10.93 17.96
CA HIS D 189 -21.70 -12.10 18.73
C HIS D 189 -20.37 -11.85 19.42
N ASN D 190 -20.00 -12.77 20.33
CA ASN D 190 -18.85 -12.58 21.19
C ASN D 190 -17.74 -13.58 20.91
N SER D 191 -17.95 -14.86 21.22
CA SER D 191 -16.90 -15.86 21.13
C SER D 191 -16.84 -16.48 19.75
N TYR D 192 -15.62 -16.78 19.29
CA TYR D 192 -15.39 -17.44 18.02
C TYR D 192 -14.38 -18.57 18.25
N THR D 193 -14.73 -19.77 17.80
CA THR D 193 -13.99 -20.98 18.13
C THR D 193 -13.63 -21.75 16.87
N CYS D 194 -12.39 -22.24 16.82
CA CYS D 194 -11.88 -23.08 15.74
C CYS D 194 -11.49 -24.42 16.35
N GLU D 195 -12.12 -25.49 15.88
CA GLU D 195 -11.89 -26.84 16.41
C GLU D 195 -11.30 -27.70 15.31
N ALA D 196 -10.10 -28.24 15.55
CA ALA D 196 -9.38 -29.04 14.58
C ALA D 196 -9.38 -30.49 15.03
N THR D 197 -9.89 -31.38 14.18
CA THR D 197 -9.90 -32.82 14.42
C THR D 197 -8.91 -33.49 13.47
N HIS D 198 -8.06 -34.34 14.05
CA HIS D 198 -6.95 -34.96 13.33
C HIS D 198 -6.83 -36.41 13.78
N LYS D 199 -5.81 -37.09 13.27
CA LYS D 199 -5.54 -38.48 13.66
C LYS D 199 -4.80 -38.59 14.99
N THR D 200 -4.07 -37.56 15.39
CA THR D 200 -3.26 -37.63 16.61
C THR D 200 -4.10 -37.80 17.86
N SER D 201 -5.37 -37.44 17.82
CA SER D 201 -6.27 -37.59 18.96
C SER D 201 -7.70 -37.41 18.50
N THR D 202 -8.61 -38.15 19.12
CA THR D 202 -10.04 -37.97 18.87
C THR D 202 -10.63 -36.81 19.66
N SER D 203 -9.86 -36.17 20.53
CA SER D 203 -10.30 -34.98 21.24
C SER D 203 -9.96 -33.77 20.40
N PRO D 204 -10.94 -33.03 19.88
CA PRO D 204 -10.62 -31.92 18.96
C PRO D 204 -9.83 -30.83 19.65
N ILE D 205 -8.75 -30.41 19.00
CA ILE D 205 -7.94 -29.29 19.48
C ILE D 205 -8.76 -28.01 19.30
N VAL D 206 -9.11 -27.38 20.41
CA VAL D 206 -10.01 -26.23 20.42
C VAL D 206 -9.20 -24.98 20.71
N LYS D 207 -9.28 -23.99 19.82
CA LYS D 207 -8.65 -22.69 20.03
C LYS D 207 -9.69 -21.62 19.73
N SER D 208 -9.95 -20.76 20.71
CA SER D 208 -11.02 -19.78 20.56
C SER D 208 -10.57 -18.44 21.11
N PHE D 209 -11.34 -17.41 20.76
CA PHE D 209 -11.11 -16.07 21.29
C PHE D 209 -12.44 -15.37 21.50
N ASN D 210 -12.49 -14.54 22.55
CA ASN D 210 -13.68 -13.80 22.90
C ASN D 210 -13.46 -12.31 22.66
N ARG D 211 -14.55 -11.62 22.31
CA ARG D 211 -14.51 -10.17 22.20
C ARG D 211 -14.53 -9.47 23.54
N ASN D 212 -14.57 -10.24 24.65
CA ASN D 212 -14.46 -9.67 25.99
C ASN D 212 -13.00 -9.64 26.41
N GLU D 213 -12.46 -10.80 26.79
CA GLU D 213 -11.07 -10.92 27.17
C GLU D 213 -10.15 -10.85 25.95
N GLN E 1 16.10 30.32 28.72
CA GLN E 1 16.00 30.35 30.18
C GLN E 1 14.54 30.32 30.63
N VAL E 2 13.67 30.96 29.85
CA VAL E 2 12.24 31.01 30.13
C VAL E 2 11.53 30.23 29.03
N GLN E 3 10.92 29.10 29.40
CA GLN E 3 10.25 28.24 28.46
C GLN E 3 8.84 27.92 28.94
N LEU E 4 7.97 27.62 27.98
CA LEU E 4 6.58 27.21 28.24
C LEU E 4 6.35 25.86 27.57
N GLN E 5 6.48 24.78 28.34
CA GLN E 5 6.30 23.43 27.83
C GLN E 5 4.80 23.14 27.78
N GLN E 6 4.23 23.09 26.59
CA GLN E 6 2.81 22.79 26.45
C GLN E 6 2.59 21.29 26.29
N SER E 7 1.34 20.88 26.47
CA SER E 7 0.98 19.48 26.27
C SER E 7 1.14 19.07 24.81
N ARG E 8 1.24 17.77 24.59
CA ARG E 8 1.41 17.26 23.23
C ARG E 8 0.09 17.33 22.48
N ALA E 9 0.12 16.95 21.20
CA ALA E 9 -1.07 16.97 20.37
C ALA E 9 -2.16 16.09 20.97
N GLU E 10 -3.41 16.44 20.69
CA GLU E 10 -4.55 15.77 21.28
C GLU E 10 -5.63 15.49 20.25
N LEU E 11 -6.18 14.30 20.31
CA LEU E 11 -7.39 13.93 19.58
C LEU E 11 -8.52 13.70 20.57
N ALA E 12 -9.71 14.19 20.23
CA ALA E 12 -10.84 14.13 21.15
C ALA E 12 -12.12 13.80 20.40
N ARG E 13 -12.96 12.98 21.03
CA ARG E 13 -14.25 12.65 20.46
C ARG E 13 -15.22 13.83 20.64
N PRO E 14 -16.13 14.02 19.69
CA PRO E 14 -17.10 15.13 19.82
C PRO E 14 -17.97 14.97 21.05
N GLY E 15 -18.05 16.03 21.84
CA GLY E 15 -18.82 16.05 23.07
C GLY E 15 -18.02 15.77 24.32
N ALA E 16 -16.79 15.27 24.18
CA ALA E 16 -15.95 14.96 25.34
C ALA E 16 -15.30 16.22 25.89
N SER E 17 -14.27 16.05 26.71
CA SER E 17 -13.55 17.18 27.29
C SER E 17 -12.05 16.89 27.22
N VAL E 18 -11.26 17.96 27.16
CA VAL E 18 -9.81 17.86 27.15
C VAL E 18 -9.26 18.82 28.20
N LYS E 19 -8.02 18.55 28.63
CA LYS E 19 -7.37 19.39 29.64
C LYS E 19 -5.87 19.39 29.34
N MET E 20 -5.39 20.46 28.73
CA MET E 20 -4.00 20.59 28.36
C MET E 20 -3.23 21.44 29.37
N SER E 21 -1.91 21.27 29.37
CA SER E 21 -1.05 21.87 30.37
C SER E 21 -0.06 22.84 29.73
N CYS E 22 0.58 23.65 30.58
CA CYS E 22 1.56 24.65 30.16
C CYS E 22 2.51 24.87 31.34
N LYS E 23 3.54 24.04 31.43
CA LYS E 23 4.52 24.12 32.50
C LYS E 23 5.50 25.24 32.22
N ALA E 24 5.61 26.20 33.13
CA ALA E 24 6.52 27.33 32.98
C ALA E 24 7.84 27.04 33.65
N SER E 25 8.93 27.43 32.99
CA SER E 25 10.28 27.15 33.50
C SER E 25 11.13 28.40 33.37
N GLY E 26 11.71 28.84 34.47
CA GLY E 26 12.70 29.89 34.47
C GLY E 26 12.29 31.24 35.04
N TYR E 27 11.24 31.31 35.86
CA TYR E 27 10.84 32.57 36.48
C TYR E 27 9.90 32.27 37.63
N THR E 28 9.60 33.32 38.40
CA THR E 28 8.63 33.23 39.49
C THR E 28 7.24 33.05 38.89
N PHE E 29 6.73 31.82 38.97
CA PHE E 29 5.49 31.46 38.30
C PHE E 29 4.26 32.19 38.87
N THR E 30 4.33 32.63 40.12
CA THR E 30 3.18 33.24 40.78
C THR E 30 3.01 34.73 40.52
N THR E 31 4.03 35.40 39.99
CA THR E 31 3.97 36.84 39.80
C THR E 31 3.57 37.26 38.39
N TYR E 32 3.67 36.37 37.41
CA TYR E 32 3.32 36.69 36.03
C TYR E 32 1.99 36.03 35.66
N THR E 33 1.19 36.73 34.86
CA THR E 33 -0.11 36.23 34.45
C THR E 33 0.02 35.32 33.24
N MET E 34 -0.66 34.17 33.27
CA MET E 34 -0.68 33.26 32.13
C MET E 34 -1.82 33.63 31.21
N GLN E 35 -1.59 33.48 29.90
CA GLN E 35 -2.56 33.83 28.88
C GLN E 35 -2.77 32.63 27.96
N TRP E 36 -4.01 32.46 27.50
CA TRP E 36 -4.36 31.37 26.59
C TRP E 36 -5.01 31.96 25.35
N VAL E 37 -4.51 31.55 24.18
CA VAL E 37 -4.93 32.07 22.89
C VAL E 37 -5.22 30.90 21.96
N LYS E 38 -6.23 31.05 21.12
CA LYS E 38 -6.65 30.03 20.16
C LYS E 38 -6.33 30.49 18.74
N GLN E 39 -6.03 29.53 17.87
CA GLN E 39 -5.76 29.85 16.46
C GLN E 39 -6.22 28.68 15.61
N ARG E 40 -7.25 28.92 14.78
CA ARG E 40 -7.63 27.88 13.84
C ARG E 40 -6.73 27.91 12.61
N PRO E 41 -6.51 26.77 11.96
CA PRO E 41 -5.57 26.70 10.83
C PRO E 41 -5.89 27.69 9.71
N GLY E 42 -5.00 28.66 9.51
CA GLY E 42 -5.14 29.64 8.46
C GLY E 42 -5.83 30.92 8.85
N GLN E 43 -6.37 31.02 10.06
CA GLN E 43 -7.10 32.19 10.51
C GLN E 43 -6.28 32.96 11.55
N ALA E 44 -6.86 34.06 12.03
CA ALA E 44 -6.18 34.95 12.95
C ALA E 44 -6.21 34.40 14.37
N LEU E 45 -5.42 35.02 15.24
CA LEU E 45 -5.39 34.63 16.64
C LEU E 45 -6.69 35.03 17.33
N GLU E 46 -7.00 34.32 18.41
CA GLU E 46 -8.23 34.54 19.16
C GLU E 46 -7.92 34.42 20.64
N TRP E 47 -8.09 35.51 21.38
CA TRP E 47 -7.74 35.55 22.79
C TRP E 47 -8.76 34.76 23.60
N ILE E 48 -8.35 33.64 24.16
CA ILE E 48 -9.24 32.85 25.01
C ILE E 48 -9.40 33.51 26.37
N GLY E 49 -8.29 33.77 27.05
CA GLY E 49 -8.40 34.42 28.35
C GLY E 49 -7.06 34.47 29.07
N TYR E 50 -7.14 34.74 30.37
CA TYR E 50 -5.94 34.80 31.20
C TYR E 50 -6.26 34.30 32.60
N ILE E 51 -5.20 34.04 33.36
CA ILE E 51 -5.31 33.56 34.73
C ILE E 51 -4.12 34.07 35.53
N ASN E 52 -4.35 34.32 36.81
CA ASN E 52 -3.30 34.76 37.72
C ASN E 52 -2.92 33.61 38.65
N PRO E 53 -1.78 32.97 38.45
CA PRO E 53 -1.35 31.91 39.39
C PRO E 53 -1.08 32.49 40.77
N GLY E 54 -1.42 31.71 41.79
CA GLY E 54 -1.29 32.18 43.16
C GLY E 54 -2.61 32.68 43.72
N SER E 55 -3.30 33.52 42.95
CA SER E 55 -4.63 33.97 43.34
C SER E 55 -5.74 33.12 42.74
N GLY E 56 -5.48 32.43 41.64
CA GLY E 56 -6.46 31.58 41.00
C GLY E 56 -7.51 32.31 40.19
N TYR E 57 -7.43 33.64 40.11
CA TYR E 57 -8.41 34.41 39.35
C TYR E 57 -8.24 34.13 37.86
N ALA E 58 -9.31 33.66 37.22
CA ALA E 58 -9.32 33.39 35.80
C ALA E 58 -10.39 34.26 35.15
N LYS E 59 -10.02 34.92 34.05
CA LYS E 59 -10.95 35.77 33.29
C LYS E 59 -10.92 35.32 31.84
N ASN E 60 -12.05 34.87 31.33
CA ASN E 60 -12.17 34.35 29.98
C ASN E 60 -12.91 35.34 29.09
N ASN E 61 -12.78 35.13 27.78
CA ASN E 61 -13.57 35.88 26.82
C ASN E 61 -15.04 35.45 26.93
N GLN E 62 -15.92 36.30 26.40
CA GLN E 62 -17.34 36.01 26.46
C GLN E 62 -17.71 34.79 25.62
N LYS E 63 -16.99 34.54 24.53
CA LYS E 63 -17.23 33.34 23.76
C LYS E 63 -16.74 32.10 24.51
N PHE E 64 -15.55 32.17 25.11
CA PHE E 64 -15.01 31.10 25.94
C PHE E 64 -15.48 31.21 27.39
N LYS E 65 -16.72 31.66 27.59
CA LYS E 65 -17.25 31.85 28.94
C LYS E 65 -17.29 30.53 29.70
N ASP E 66 -17.92 29.51 29.12
CA ASP E 66 -17.98 28.19 29.72
C ASP E 66 -17.30 27.11 28.91
N LYS E 67 -16.90 27.41 27.67
CA LYS E 67 -16.13 26.44 26.89
C LYS E 67 -14.76 26.20 27.51
N ALA E 68 -14.08 27.28 27.89
CA ALA E 68 -12.74 27.20 28.47
C ALA E 68 -12.82 27.33 29.99
N THR E 69 -11.97 26.57 30.68
CA THR E 69 -11.86 26.63 32.13
C THR E 69 -10.38 26.64 32.48
N LEU E 70 -9.94 27.72 33.11
CA LEU E 70 -8.52 27.95 33.39
C LEU E 70 -8.22 27.63 34.85
N THR E 71 -7.20 26.82 35.08
CA THR E 71 -6.75 26.49 36.44
C THR E 71 -5.24 26.63 36.51
N ALA E 72 -4.72 26.74 37.72
CA ALA E 72 -3.29 26.91 37.93
C ALA E 72 -2.85 26.15 39.18
N ASP E 73 -1.64 25.59 39.13
CA ASP E 73 -1.05 24.88 40.26
C ASP E 73 0.34 25.44 40.50
N LYS E 74 0.58 25.94 41.72
CA LYS E 74 1.82 26.63 42.02
C LYS E 74 2.98 25.65 42.20
N SER E 75 2.74 24.55 42.91
CA SER E 75 3.81 23.59 43.18
C SER E 75 4.35 22.99 41.88
N SER E 76 3.47 22.41 41.08
CA SER E 76 3.87 21.90 39.77
C SER E 76 4.19 23.02 38.79
N SER E 77 3.87 24.27 39.14
CA SER E 77 4.16 25.44 38.30
C SER E 77 3.53 25.26 36.91
N THR E 78 2.26 24.88 36.88
CA THR E 78 1.61 24.51 35.64
C THR E 78 0.21 25.09 35.56
N ALA E 79 -0.11 25.69 34.43
CA ALA E 79 -1.45 26.21 34.15
C ALA E 79 -2.17 25.25 33.21
N TYR E 80 -3.36 24.84 33.59
CA TYR E 80 -4.18 23.92 32.80
C TYR E 80 -5.35 24.66 32.18
N MET E 81 -5.71 24.25 30.97
CA MET E 81 -6.88 24.76 30.28
C MET E 81 -7.75 23.58 29.86
N GLN E 82 -9.02 23.61 30.27
CA GLN E 82 -9.96 22.54 29.99
C GLN E 82 -11.02 23.02 29.01
N LEU E 83 -11.30 22.21 28.00
CA LEU E 83 -12.35 22.46 27.02
C LEU E 83 -13.42 21.40 27.18
N SER E 84 -14.64 21.83 27.48
CA SER E 84 -15.78 20.95 27.64
C SER E 84 -16.75 21.14 26.47
N SER E 85 -17.55 20.10 26.22
CA SER E 85 -18.51 20.07 25.12
C SER E 85 -17.83 20.43 23.79
N LEU E 86 -17.06 19.47 23.31
CA LEU E 86 -16.22 19.66 22.13
C LEU E 86 -17.02 19.42 20.86
N THR E 87 -16.80 20.31 19.88
CA THR E 87 -17.41 20.21 18.56
C THR E 87 -16.30 20.29 17.52
N SER E 88 -16.70 20.27 16.24
CA SER E 88 -15.72 20.33 15.16
C SER E 88 -14.99 21.67 15.13
N ASP E 89 -15.62 22.73 15.64
CA ASP E 89 -15.00 24.05 15.62
C ASP E 89 -13.89 24.21 16.65
N ASP E 90 -13.69 23.22 17.53
CA ASP E 90 -12.63 23.29 18.52
C ASP E 90 -11.28 22.80 18.00
N SER E 91 -11.22 22.25 16.78
CA SER E 91 -9.97 21.79 16.21
C SER E 91 -9.09 23.00 15.87
N ALA E 92 -8.02 23.20 16.64
CA ALA E 92 -7.19 24.39 16.48
C ALA E 92 -5.92 24.22 17.29
N VAL E 93 -5.00 25.16 17.11
CA VAL E 93 -3.75 25.20 17.88
C VAL E 93 -3.93 26.20 19.02
N TYR E 94 -3.59 25.76 20.22
CA TYR E 94 -3.76 26.56 21.44
C TYR E 94 -2.39 26.90 22.01
N TYR E 95 -2.16 28.18 22.26
CA TYR E 95 -0.90 28.67 22.79
C TYR E 95 -1.10 29.26 24.19
N CYS E 96 -0.09 29.10 25.03
CA CYS E 96 -0.01 29.81 26.29
C CYS E 96 1.14 30.82 26.23
N ALA E 97 0.93 31.95 26.89
CA ALA E 97 1.85 33.08 26.83
C ALA E 97 2.04 33.67 28.22
N ARG E 98 3.16 34.38 28.38
CA ARG E 98 3.56 34.96 29.65
C ARG E 98 3.21 36.44 29.68
N SER E 99 3.21 37.00 30.90
CA SER E 99 2.92 38.40 31.17
C SER E 99 1.44 38.73 30.92
N GLY E 100 0.96 39.82 31.52
CA GLY E 100 -0.46 40.14 31.49
C GLY E 100 -0.86 41.23 30.50
N SER E 101 0.11 42.05 30.09
CA SER E 101 -0.18 43.10 29.12
C SER E 101 0.18 42.64 27.71
N PHE E 102 1.47 42.66 27.39
CA PHE E 102 1.99 42.13 26.15
C PHE E 102 2.53 40.73 26.37
N PHE E 103 2.41 39.89 25.35
CA PHE E 103 2.78 38.47 25.46
C PHE E 103 4.24 38.33 25.03
N ASP E 104 5.14 38.26 26.01
CA ASP E 104 6.57 38.23 25.70
C ASP E 104 7.03 36.83 25.34
N TYR E 105 6.83 35.87 26.24
CA TYR E 105 7.28 34.50 26.03
C TYR E 105 6.09 33.63 25.65
N TRP E 106 6.19 32.97 24.50
CA TRP E 106 5.15 32.09 23.99
C TRP E 106 5.58 30.63 24.13
N GLY E 107 4.60 29.73 23.97
CA GLY E 107 4.83 28.31 24.05
C GLY E 107 5.04 27.67 22.70
N GLN E 108 4.92 26.35 22.67
CA GLN E 108 5.10 25.58 21.45
C GLN E 108 3.81 25.46 20.65
N GLY E 109 2.72 25.06 21.30
CA GLY E 109 1.44 24.91 20.63
C GLY E 109 0.84 23.54 20.80
N THR E 110 -0.36 23.47 21.35
CA THR E 110 -1.08 22.21 21.52
C THR E 110 -2.16 22.13 20.45
N THR E 111 -2.03 21.15 19.55
CA THR E 111 -2.96 21.00 18.44
C THR E 111 -4.07 20.03 18.83
N LEU E 112 -5.31 20.52 18.81
CA LEU E 112 -6.48 19.73 19.19
C LEU E 112 -7.30 19.41 17.95
N THR E 113 -7.53 18.12 17.72
CA THR E 113 -8.35 17.64 16.61
C THR E 113 -9.56 16.93 17.19
N VAL E 114 -10.75 17.43 16.87
CA VAL E 114 -12.00 16.89 17.38
C VAL E 114 -12.68 16.15 16.23
N SER E 115 -12.65 14.81 16.27
CA SER E 115 -13.27 14.00 15.26
C SER E 115 -13.63 12.65 15.86
N SER E 116 -14.58 11.98 15.22
CA SER E 116 -15.05 10.66 15.65
C SER E 116 -14.57 9.53 14.74
N ALA E 117 -13.77 9.84 13.73
CA ALA E 117 -13.33 8.84 12.78
C ALA E 117 -12.35 7.87 13.43
N LYS E 118 -12.47 6.60 13.07
CA LYS E 118 -11.54 5.58 13.55
C LYS E 118 -10.28 5.59 12.68
N THR E 119 -9.24 4.95 13.22
CA THR E 119 -7.99 4.82 12.46
C THR E 119 -8.21 4.02 11.19
N THR E 120 -8.00 4.66 10.04
CA THR E 120 -8.29 4.07 8.75
C THR E 120 -7.03 4.05 7.89
N PRO E 121 -6.64 2.91 7.33
CA PRO E 121 -5.47 2.89 6.46
C PRO E 121 -5.75 3.61 5.16
N PRO E 122 -4.73 4.19 4.53
CA PRO E 122 -4.96 4.97 3.31
C PRO E 122 -5.12 4.08 2.09
N SER E 123 -5.74 4.66 1.06
CA SER E 123 -5.88 4.04 -0.25
C SER E 123 -5.02 4.83 -1.24
N VAL E 124 -4.07 4.15 -1.87
CA VAL E 124 -3.13 4.79 -2.79
C VAL E 124 -3.57 4.50 -4.22
N TYR E 125 -3.74 5.56 -5.01
CA TYR E 125 -4.15 5.46 -6.39
C TYR E 125 -3.13 6.14 -7.29
N PRO E 126 -2.70 5.49 -8.38
CA PRO E 126 -1.73 6.13 -9.28
C PRO E 126 -2.41 7.09 -10.24
N LEU E 127 -1.66 8.12 -10.62
CA LEU E 127 -2.15 9.14 -11.55
C LEU E 127 -1.20 9.20 -12.75
N ALA E 128 -1.67 8.70 -13.89
CA ALA E 128 -0.92 8.68 -15.14
C ALA E 128 -1.61 9.56 -16.18
N PRO E 129 -0.86 10.07 -17.16
CA PRO E 129 -1.48 10.89 -18.22
C PRO E 129 -2.28 10.06 -19.21
N SER E 137 8.20 16.93 -24.27
CA SER E 137 8.24 17.95 -23.24
C SER E 137 8.67 17.37 -21.90
N MET E 138 7.97 17.74 -20.84
CA MET E 138 8.17 17.15 -19.52
C MET E 138 6.85 16.60 -19.02
N VAL E 139 6.88 15.38 -18.51
CA VAL E 139 5.67 14.70 -18.04
C VAL E 139 5.55 14.88 -16.54
N THR E 140 4.30 14.86 -16.06
CA THR E 140 4.00 14.98 -14.64
C THR E 140 3.17 13.78 -14.22
N LEU E 141 3.56 13.16 -13.11
CA LEU E 141 2.86 12.01 -12.56
C LEU E 141 2.36 12.34 -11.16
N GLY E 142 1.36 11.58 -10.71
CA GLY E 142 0.70 11.88 -9.45
C GLY E 142 0.48 10.65 -8.61
N CYS E 143 0.08 10.90 -7.37
CA CYS E 143 -0.14 9.84 -6.38
C CYS E 143 -1.22 10.34 -5.43
N LEU E 144 -2.39 9.70 -5.47
CA LEU E 144 -3.56 10.17 -4.72
C LEU E 144 -3.75 9.29 -3.49
N VAL E 145 -3.62 9.88 -2.31
CA VAL E 145 -3.80 9.20 -1.04
C VAL E 145 -5.15 9.62 -0.48
N LYS E 146 -6.12 8.71 -0.49
CA LYS E 146 -7.51 9.03 -0.18
C LYS E 146 -8.01 8.16 0.97
N GLY E 147 -8.73 8.80 1.90
CA GLY E 147 -9.41 8.10 2.96
C GLY E 147 -8.53 7.50 4.03
N TYR E 148 -7.77 8.34 4.73
CA TYR E 148 -6.94 7.89 5.83
C TYR E 148 -7.22 8.71 7.07
N PHE E 149 -6.93 8.12 8.23
CA PHE E 149 -7.10 8.80 9.51
C PHE E 149 -6.23 8.09 10.54
N PRO E 150 -5.50 8.83 11.39
CA PRO E 150 -5.42 10.28 11.35
C PRO E 150 -4.16 10.79 10.63
N GLU E 151 -3.90 12.09 10.74
CA GLU E 151 -2.67 12.65 10.26
C GLU E 151 -1.49 12.10 11.07
N PRO E 152 -0.27 12.11 10.50
CA PRO E 152 0.07 12.53 9.14
C PRO E 152 0.40 11.35 8.21
N VAL E 153 0.72 11.68 6.95
CA VAL E 153 1.17 10.72 5.97
C VAL E 153 2.38 11.30 5.25
N THR E 154 3.46 10.53 5.20
CA THR E 154 4.69 10.96 4.53
C THR E 154 4.72 10.35 3.13
N VAL E 155 4.82 11.20 2.11
CA VAL E 155 4.83 10.77 0.73
C VAL E 155 6.18 11.14 0.12
N THR E 156 6.90 10.13 -0.34
CA THR E 156 8.17 10.32 -1.05
C THR E 156 8.06 9.68 -2.44
N TRP E 157 9.08 9.91 -3.25
CA TRP E 157 9.13 9.39 -4.61
C TRP E 157 10.45 8.69 -4.85
N ASN E 158 10.39 7.44 -5.32
CA ASN E 158 11.56 6.62 -5.59
C ASN E 158 12.49 6.56 -4.38
N SER E 159 11.87 6.32 -3.21
CA SER E 159 12.58 6.22 -1.93
C SER E 159 13.37 7.48 -1.62
N GLY E 160 12.84 8.64 -2.02
CA GLY E 160 13.49 9.91 -1.77
C GLY E 160 14.46 10.36 -2.84
N SER E 161 14.70 9.55 -3.87
CA SER E 161 15.60 9.95 -4.94
C SER E 161 15.05 11.13 -5.71
N LEU E 162 13.78 11.07 -6.10
CA LEU E 162 13.10 12.19 -6.75
C LEU E 162 12.80 13.25 -5.69
N SER E 163 13.82 14.05 -5.38
CA SER E 163 13.69 15.10 -4.39
C SER E 163 13.19 16.41 -4.98
N SER E 164 13.43 16.64 -6.27
CA SER E 164 13.05 17.88 -6.92
C SER E 164 11.78 17.69 -7.75
N GLY E 165 11.02 18.78 -7.88
CA GLY E 165 9.79 18.73 -8.64
C GLY E 165 8.65 18.01 -7.96
N VAL E 166 8.67 17.92 -6.64
CA VAL E 166 7.67 17.20 -5.87
C VAL E 166 6.81 18.21 -5.12
N HIS E 167 5.50 18.15 -5.33
CA HIS E 167 4.54 19.00 -4.65
C HIS E 167 3.54 18.10 -3.92
N THR E 168 3.78 17.87 -2.64
CA THR E 168 2.88 17.09 -1.80
C THR E 168 1.91 18.05 -1.12
N PHE E 169 0.67 18.08 -1.60
CA PHE E 169 -0.30 19.08 -1.19
C PHE E 169 -0.87 18.76 0.20
N PRO E 170 -1.30 19.79 0.93
CA PRO E 170 -1.87 19.55 2.26
C PRO E 170 -3.13 18.70 2.20
N ALA E 171 -3.50 18.16 3.37
CA ALA E 171 -4.60 17.22 3.46
C ALA E 171 -5.92 17.94 3.60
N VAL E 172 -6.89 17.55 2.78
CA VAL E 172 -8.25 18.08 2.84
C VAL E 172 -9.14 17.02 3.48
N LEU E 173 -10.12 17.47 4.27
CA LEU E 173 -11.04 16.57 4.94
C LEU E 173 -12.19 16.21 3.99
N GLN E 174 -12.37 14.92 3.75
CA GLN E 174 -13.46 14.44 2.90
C GLN E 174 -14.10 13.23 3.57
N SER E 175 -15.41 13.32 3.82
CA SER E 175 -16.16 12.23 4.45
C SER E 175 -15.56 11.84 5.80
N ASP E 176 -15.22 12.86 6.60
CA ASP E 176 -14.58 12.69 7.91
C ASP E 176 -13.26 11.93 7.83
N LEU E 177 -12.70 11.81 6.64
CA LEU E 177 -11.37 11.24 6.42
C LEU E 177 -10.49 12.27 5.72
N TYR E 178 -9.24 11.91 5.49
CA TYR E 178 -8.27 12.82 4.90
C TYR E 178 -7.88 12.35 3.50
N THR E 179 -7.79 13.30 2.58
CA THR E 179 -7.37 13.05 1.20
C THR E 179 -6.20 13.96 0.88
N LEU E 180 -5.21 13.42 0.18
CA LEU E 180 -3.97 14.14 -0.09
C LEU E 180 -3.45 13.76 -1.47
N SER E 181 -3.04 14.75 -2.23
CA SER E 181 -2.47 14.55 -3.55
C SER E 181 -0.99 14.90 -3.55
N SER E 182 -0.23 14.24 -4.42
CA SER E 182 1.20 14.48 -4.55
C SER E 182 1.59 14.36 -6.01
N SER E 183 2.28 15.37 -6.52
CA SER E 183 2.68 15.42 -7.92
C SER E 183 4.20 15.43 -8.03
N VAL E 184 4.72 14.73 -9.03
CA VAL E 184 6.13 14.73 -9.37
C VAL E 184 6.26 15.02 -10.85
N THR E 185 7.31 15.75 -11.23
CA THR E 185 7.54 16.16 -12.60
C THR E 185 8.92 15.67 -13.03
N VAL E 186 8.94 14.79 -14.03
CA VAL E 186 10.18 14.23 -14.55
C VAL E 186 10.22 14.45 -16.05
N PRO E 187 11.42 14.44 -16.65
CA PRO E 187 11.50 14.56 -18.11
C PRO E 187 10.79 13.41 -18.80
N SER E 188 10.39 13.67 -20.05
CA SER E 188 9.68 12.67 -20.85
C SER E 188 10.55 11.49 -21.24
N SER E 189 11.84 11.52 -20.94
CA SER E 189 12.72 10.39 -21.20
C SER E 189 12.85 9.45 -20.01
N THR E 190 12.74 9.98 -18.79
CA THR E 190 12.80 9.18 -17.58
C THR E 190 11.44 8.55 -17.22
N TRP E 191 10.55 8.41 -18.19
CA TRP E 191 9.24 7.78 -18.04
C TRP E 191 8.56 7.72 -19.41
N PRO E 192 7.89 6.62 -19.75
CA PRO E 192 7.73 5.40 -18.95
C PRO E 192 8.91 4.45 -19.06
N SER E 193 10.01 4.92 -19.65
CA SER E 193 11.21 4.10 -19.81
C SER E 193 12.01 3.96 -18.52
N GLU E 194 11.53 4.51 -17.41
CA GLU E 194 12.18 4.38 -16.12
C GLU E 194 11.13 4.08 -15.07
N THR E 195 11.58 3.95 -13.82
CA THR E 195 10.71 3.61 -12.71
C THR E 195 10.41 4.87 -11.90
N VAL E 196 9.12 5.21 -11.79
CA VAL E 196 8.66 6.31 -10.95
C VAL E 196 7.67 5.74 -9.96
N THR E 197 8.04 5.71 -8.69
CA THR E 197 7.23 5.10 -7.64
C THR E 197 7.02 6.11 -6.52
N CYS E 198 5.77 6.20 -6.04
CA CYS E 198 5.46 7.03 -4.88
C CYS E 198 5.30 6.13 -3.66
N ASN E 199 6.07 6.43 -2.61
CA ASN E 199 6.07 5.65 -1.39
C ASN E 199 5.22 6.38 -0.35
N VAL E 200 4.06 5.81 -0.04
CA VAL E 200 3.12 6.38 0.91
C VAL E 200 3.26 5.64 2.23
N ALA E 201 3.50 6.38 3.31
CA ALA E 201 3.71 5.80 4.63
C ALA E 201 2.75 6.43 5.62
N HIS E 202 1.86 5.62 6.19
CA HIS E 202 0.90 6.04 7.20
C HIS E 202 1.22 5.28 8.48
N PRO E 203 2.10 5.82 9.33
CA PRO E 203 2.52 5.08 10.54
C PRO E 203 1.39 4.86 11.54
N ALA E 204 0.31 5.63 11.47
CA ALA E 204 -0.79 5.45 12.41
C ALA E 204 -1.47 4.10 12.21
N SER E 205 -1.47 3.58 10.99
CA SER E 205 -2.02 2.26 10.71
C SER E 205 -0.94 1.25 10.35
N SER E 206 0.34 1.60 10.55
CA SER E 206 1.47 0.73 10.24
C SER E 206 1.46 0.28 8.78
N THR E 207 1.00 1.15 7.89
CA THR E 207 0.85 0.84 6.47
C THR E 207 1.92 1.57 5.67
N LYS E 208 2.58 0.84 4.77
CA LYS E 208 3.59 1.42 3.88
C LYS E 208 3.32 0.89 2.48
N VAL E 209 2.83 1.75 1.59
CA VAL E 209 2.47 1.37 0.23
C VAL E 209 3.51 1.95 -0.73
N ASP E 210 3.92 1.12 -1.69
CA ASP E 210 4.82 1.54 -2.76
C ASP E 210 4.11 1.30 -4.09
N LYS E 211 3.65 2.38 -4.71
CA LYS E 211 2.86 2.31 -5.94
C LYS E 211 3.71 2.77 -7.11
N LYS E 212 3.96 1.88 -8.07
CA LYS E 212 4.72 2.21 -9.26
C LYS E 212 3.77 2.76 -10.33
N ILE E 213 4.12 3.88 -10.93
CA ILE E 213 3.30 4.54 -11.92
C ILE E 213 3.59 3.92 -13.28
N VAL E 214 2.56 3.37 -13.92
CA VAL E 214 2.69 2.77 -15.24
C VAL E 214 1.69 3.43 -16.18
N PRO E 215 1.99 3.51 -17.48
CA PRO E 215 1.03 4.12 -18.41
C PRO E 215 -0.25 3.29 -18.52
N ARG E 216 -1.36 3.99 -18.72
CA ARG E 216 -2.66 3.35 -18.79
C ARG E 216 -2.77 2.47 -20.03
N ASP E 217 -3.61 1.45 -19.94
CA ASP E 217 -3.80 0.51 -21.04
C ASP E 217 -5.00 0.89 -21.89
N ASP F 1 -16.07 46.05 22.97
CA ASP F 1 -15.27 45.06 22.27
C ASP F 1 -14.43 45.72 21.18
N ILE F 2 -13.20 46.08 21.52
CA ILE F 2 -12.32 46.78 20.58
C ILE F 2 -11.93 45.84 19.45
N VAL F 3 -12.34 46.18 18.23
CA VAL F 3 -12.12 45.34 17.06
C VAL F 3 -10.95 45.95 16.28
N LEU F 4 -9.78 45.32 16.37
CA LEU F 4 -8.64 45.74 15.59
C LEU F 4 -8.78 45.27 14.15
N THR F 5 -8.68 46.21 13.21
CA THR F 5 -8.80 45.91 11.79
C THR F 5 -7.42 46.05 11.15
N GLN F 6 -6.89 44.96 10.63
CA GLN F 6 -5.55 44.89 10.06
C GLN F 6 -5.68 44.82 8.54
N SER F 7 -5.36 45.91 7.87
CA SER F 7 -5.51 46.01 6.42
C SER F 7 -4.21 46.46 5.78
N PRO F 8 -3.82 45.86 4.64
CA PRO F 8 -4.54 44.74 4.03
C PRO F 8 -4.10 43.38 4.58
N ALA F 9 -4.71 42.30 4.09
CA ALA F 9 -4.43 40.97 4.61
C ALA F 9 -3.17 40.36 4.01
N ILE F 10 -2.76 40.79 2.82
CA ILE F 10 -1.62 40.20 2.13
C ILE F 10 -0.88 41.30 1.38
N LEU F 11 0.45 41.30 1.50
CA LEU F 11 1.31 42.28 0.84
C LEU F 11 2.54 41.58 0.28
N SER F 12 2.79 41.76 -1.01
CA SER F 12 3.94 41.16 -1.68
C SER F 12 5.04 42.20 -1.84
N VAL F 13 6.24 41.88 -1.38
CA VAL F 13 7.36 42.80 -1.35
C VAL F 13 8.61 42.09 -1.88
N THR F 14 9.40 42.80 -2.67
CA THR F 14 10.69 42.28 -3.09
C THR F 14 11.64 42.26 -1.90
N PRO F 15 12.35 41.14 -1.66
CA PRO F 15 13.19 41.05 -0.46
C PRO F 15 14.28 42.11 -0.40
N GLY F 16 13.92 43.30 0.08
CA GLY F 16 14.87 44.40 0.17
C GLY F 16 14.19 45.74 0.32
N ASP F 17 12.89 45.80 0.07
CA ASP F 17 12.14 47.04 0.18
C ASP F 17 11.69 47.25 1.62
N SER F 18 10.96 48.33 1.85
CA SER F 18 10.39 48.64 3.14
C SER F 18 8.93 48.23 3.19
N VAL F 19 8.42 47.99 4.39
CA VAL F 19 7.04 47.56 4.59
C VAL F 19 6.43 48.36 5.72
N SER F 20 5.22 48.89 5.48
CA SER F 20 4.44 49.61 6.48
C SER F 20 3.08 48.93 6.63
N LEU F 21 2.97 48.07 7.64
CA LEU F 21 1.74 47.36 7.94
C LEU F 21 0.82 48.22 8.79
N SER F 22 -0.45 48.30 8.42
CA SER F 22 -1.41 49.11 9.14
C SER F 22 -2.24 48.26 10.09
N CYS F 23 -2.80 48.91 11.10
CA CYS F 23 -3.67 48.26 12.07
C CYS F 23 -4.59 49.30 12.71
N ARG F 24 -5.72 49.58 12.07
CA ARG F 24 -6.67 50.54 12.61
C ARG F 24 -7.58 49.85 13.61
N ALA F 25 -8.01 50.62 14.62
CA ALA F 25 -8.85 50.12 15.70
C ALA F 25 -10.27 50.65 15.55
N SER F 26 -11.05 50.51 16.62
CA SER F 26 -12.40 51.05 16.67
C SER F 26 -12.64 51.99 17.85
N GLN F 27 -11.87 51.87 18.92
CA GLN F 27 -11.94 52.78 20.05
C GLN F 27 -10.52 53.24 20.39
N SER F 28 -10.43 54.21 21.30
CA SER F 28 -9.16 54.77 21.70
C SER F 28 -8.41 53.79 22.59
N VAL F 29 -7.42 53.10 22.01
CA VAL F 29 -6.52 52.23 22.76
C VAL F 29 -5.25 52.96 23.17
N SER F 30 -5.19 54.29 22.97
CA SER F 30 -4.00 55.08 23.26
C SER F 30 -2.76 54.50 22.57
N SER F 31 -1.75 54.12 23.36
CA SER F 31 -0.57 53.44 22.83
C SER F 31 -0.48 51.99 23.27
N ASN F 32 -1.61 51.40 23.67
CA ASN F 32 -1.64 50.01 24.13
C ASN F 32 -1.91 49.09 22.94
N LEU F 33 -0.88 48.95 22.10
CA LEU F 33 -0.94 48.06 20.95
C LEU F 33 0.45 47.51 20.69
N HIS F 34 0.54 46.19 20.57
CA HIS F 34 1.80 45.49 20.39
C HIS F 34 1.75 44.67 19.11
N TRP F 35 2.92 44.43 18.52
CA TRP F 35 3.03 43.70 17.27
C TRP F 35 3.70 42.35 17.49
N TYR F 36 3.23 41.34 16.76
CA TYR F 36 3.75 39.99 16.84
C TYR F 36 4.03 39.45 15.44
N GLN F 37 5.13 38.74 15.31
CA GLN F 37 5.51 38.07 14.06
C GLN F 37 5.38 36.56 14.25
N GLN F 38 4.67 35.91 13.34
CA GLN F 38 4.50 34.46 13.36
C GLN F 38 5.03 33.90 12.04
N ARG F 39 6.14 33.19 12.11
CA ARG F 39 6.64 32.49 10.93
C ARG F 39 5.82 31.23 10.71
N SER F 40 5.86 30.73 9.47
CA SER F 40 5.02 29.61 9.09
C SER F 40 5.37 28.38 9.92
N HIS F 41 4.34 27.72 10.45
CA HIS F 41 4.49 26.52 11.28
C HIS F 41 5.35 26.80 12.51
N GLU F 42 5.12 27.94 13.14
CA GLU F 42 5.86 28.33 14.34
C GLU F 42 4.90 28.99 15.31
N SER F 43 5.46 29.57 16.38
CA SER F 43 4.73 30.30 17.38
C SER F 43 5.00 31.80 17.24
N PRO F 44 4.09 32.65 17.72
CA PRO F 44 4.29 34.10 17.59
C PRO F 44 5.55 34.58 18.28
N ARG F 45 6.07 35.70 17.80
CA ARG F 45 7.30 36.31 18.32
C ARG F 45 7.03 37.79 18.56
N LEU F 46 7.35 38.25 19.77
CA LEU F 46 7.09 39.65 20.16
C LEU F 46 8.10 40.57 19.48
N LEU F 47 7.60 41.52 18.70
CA LEU F 47 8.46 42.48 18.01
C LEU F 47 8.50 43.81 18.74
N ILE F 48 7.43 44.59 18.61
CA ILE F 48 7.35 45.93 19.16
C ILE F 48 6.27 45.96 20.24
N THR F 49 6.58 46.58 21.37
CA THR F 49 5.64 46.75 22.47
C THR F 49 5.25 48.22 22.59
N TYR F 50 3.95 48.45 22.79
CA TYR F 50 3.38 49.80 22.94
C TYR F 50 3.79 50.70 21.77
N ALA F 51 3.19 50.39 20.61
CA ALA F 51 3.30 51.21 19.40
C ALA F 51 4.72 51.31 18.87
N PHE F 52 5.64 51.91 19.64
CA PHE F 52 6.96 52.23 19.13
C PHE F 52 8.12 51.69 19.97
N GLN F 53 7.89 51.29 21.22
CA GLN F 53 8.99 50.87 22.08
C GLN F 53 9.55 49.53 21.60
N SER F 54 10.86 49.50 21.40
CA SER F 54 11.53 48.30 20.89
C SER F 54 11.79 47.31 22.03
N ILE F 55 11.90 46.04 21.65
CA ILE F 55 12.17 44.98 22.60
C ILE F 55 13.64 44.56 22.47
N SER F 56 14.16 43.97 23.54
CA SER F 56 15.57 43.58 23.59
C SER F 56 15.71 42.19 22.96
N GLY F 57 15.88 42.18 21.63
CA GLY F 57 16.03 40.92 20.93
C GLY F 57 15.81 41.02 19.43
N ILE F 58 14.95 41.97 19.02
CA ILE F 58 14.61 42.14 17.60
C ILE F 58 15.66 43.02 16.94
N PRO F 59 15.93 42.83 15.64
CA PRO F 59 16.92 43.66 14.95
C PRO F 59 16.48 45.11 14.89
N SER F 60 17.43 45.96 14.45
CA SER F 60 17.20 47.40 14.45
C SER F 60 16.21 47.85 13.38
N ARG F 61 15.99 47.04 12.35
CA ARG F 61 15.14 47.43 11.23
C ARG F 61 13.65 47.35 11.54
N PHE F 62 13.26 46.78 12.68
CA PHE F 62 11.86 46.68 13.07
C PHE F 62 11.51 47.85 13.97
N SER F 63 10.56 48.68 13.53
CA SER F 63 10.11 49.81 14.32
C SER F 63 8.61 49.99 14.07
N GLY F 64 8.05 51.07 14.62
CA GLY F 64 6.65 51.34 14.42
C GLY F 64 6.28 52.66 15.08
N ASN F 65 5.14 53.19 14.65
CA ASN F 65 4.61 54.43 15.18
C ASN F 65 3.09 54.36 15.20
N GLY F 66 2.46 55.42 15.70
CA GLY F 66 1.01 55.47 15.77
C GLY F 66 0.48 55.73 17.17
N SER F 67 -0.79 56.12 17.26
CA SER F 67 -1.41 56.40 18.55
C SER F 67 -2.92 56.44 18.37
N GLY F 68 -3.63 56.06 19.43
CA GLY F 68 -5.08 56.17 19.46
C GLY F 68 -5.80 55.13 18.63
N THR F 69 -6.01 55.42 17.34
CA THR F 69 -6.78 54.55 16.46
C THR F 69 -6.12 54.44 15.10
N ASP F 70 -4.78 54.42 15.08
CA ASP F 70 -4.04 54.28 13.83
C ASP F 70 -2.61 53.92 14.19
N PHE F 71 -2.13 52.77 13.72
CA PHE F 71 -0.79 52.29 14.01
C PHE F 71 -0.14 51.76 12.74
N THR F 72 1.19 51.75 12.74
CA THR F 72 1.95 51.33 11.58
C THR F 72 3.25 50.66 12.03
N LEU F 73 3.49 49.46 11.51
CA LEU F 73 4.72 48.70 11.78
C LEU F 73 5.62 48.79 10.56
N ASN F 74 6.85 49.25 10.76
CA ASN F 74 7.79 49.51 9.68
C ASN F 74 8.94 48.52 9.74
N ILE F 75 9.20 47.86 8.60
CA ILE F 75 10.36 47.01 8.41
C ILE F 75 11.21 47.62 7.31
N ASN F 76 12.49 47.88 7.62
CA ASN F 76 13.37 48.64 6.75
C ASN F 76 13.87 47.80 5.58
N SER F 77 14.90 47.00 5.82
CA SER F 77 15.47 46.11 4.79
C SER F 77 14.98 44.70 5.09
N VAL F 78 14.03 44.23 4.29
CA VAL F 78 13.40 42.94 4.54
C VAL F 78 14.38 41.82 4.21
N GLU F 79 14.71 41.01 5.21
CA GLU F 79 15.52 39.82 5.01
C GLU F 79 14.61 38.63 4.72
N THR F 80 15.22 37.47 4.47
CA THR F 80 14.42 36.29 4.14
C THR F 80 13.71 35.71 5.35
N GLU F 81 14.20 35.98 6.56
CA GLU F 81 13.57 35.49 7.79
C GLU F 81 12.54 36.47 8.35
N ASP F 82 11.89 37.26 7.49
CA ASP F 82 10.91 38.24 7.92
C ASP F 82 9.53 38.03 7.32
N PHE F 83 9.37 37.05 6.44
CA PHE F 83 8.07 36.80 5.80
C PHE F 83 7.20 35.92 6.70
N GLY F 84 5.88 36.02 6.50
CA GLY F 84 4.96 35.29 7.33
C GLY F 84 3.86 36.20 7.85
N MET F 85 3.18 35.76 8.90
CA MET F 85 2.05 36.51 9.42
C MET F 85 2.50 37.56 10.43
N TYR F 86 1.76 38.67 10.47
CA TYR F 86 1.97 39.72 11.45
C TYR F 86 0.63 40.08 12.06
N PHE F 87 0.59 40.18 13.39
CA PHE F 87 -0.64 40.46 14.11
C PHE F 87 -0.43 41.64 15.06
N CYS F 88 -1.50 42.39 15.30
CA CYS F 88 -1.50 43.46 16.29
C CYS F 88 -2.49 43.12 17.38
N GLN F 89 -2.06 43.26 18.63
CA GLN F 89 -2.88 42.94 19.79
C GLN F 89 -2.93 44.16 20.70
N GLN F 90 -4.15 44.55 21.08
CA GLN F 90 -4.35 45.68 21.98
C GLN F 90 -4.56 45.17 23.40
N SER F 91 -4.04 45.93 24.38
CA SER F 91 -4.16 45.58 25.78
C SER F 91 -4.78 46.72 26.58
N ASN F 92 -5.64 47.52 25.93
CA ASN F 92 -6.22 48.68 26.60
C ASN F 92 -7.41 48.28 27.47
N SER F 93 -8.34 47.51 26.91
CA SER F 93 -9.56 47.16 27.63
C SER F 93 -9.81 45.65 27.59
N TRP F 94 -11.00 45.24 28.04
CA TRP F 94 -11.40 43.84 28.00
C TRP F 94 -12.54 43.64 27.01
N PRO F 95 -12.53 42.53 26.25
CA PRO F 95 -11.47 41.53 26.29
C PRO F 95 -10.30 41.87 25.37
N TYR F 96 -9.15 41.25 25.58
CA TYR F 96 -8.03 41.43 24.66
C TYR F 96 -8.41 40.91 23.28
N THR F 97 -7.96 41.61 22.25
CA THR F 97 -8.28 41.25 20.88
C THR F 97 -7.03 41.37 20.02
N PHE F 98 -6.94 40.48 19.03
CA PHE F 98 -5.86 40.50 18.06
C PHE F 98 -6.35 41.10 16.75
N GLY F 99 -5.43 41.25 15.80
CA GLY F 99 -5.78 41.77 14.50
C GLY F 99 -6.24 40.68 13.55
N GLY F 100 -6.68 41.11 12.36
CA GLY F 100 -7.07 40.16 11.34
C GLY F 100 -5.92 39.40 10.73
N GLY F 101 -4.70 39.96 10.81
CA GLY F 101 -3.53 39.31 10.28
C GLY F 101 -3.09 39.89 8.94
N THR F 102 -1.80 40.12 8.80
CA THR F 102 -1.22 40.59 7.54
C THR F 102 -0.15 39.61 7.10
N LYS F 103 -0.30 39.09 5.88
CA LYS F 103 0.64 38.10 5.35
C LYS F 103 1.71 38.80 4.51
N LEU F 104 2.97 38.51 4.80
CA LEU F 104 4.11 39.05 4.07
C LEU F 104 4.69 37.93 3.23
N GLU F 105 4.46 38.01 1.91
CA GLU F 105 4.98 37.06 0.94
C GLU F 105 6.08 37.72 0.11
N ILE F 106 6.86 36.89 -0.57
CA ILE F 106 7.95 37.36 -1.41
C ILE F 106 7.42 37.57 -2.82
N LYS F 107 7.90 38.60 -3.50
CA LYS F 107 7.44 38.93 -4.83
C LYS F 107 8.27 38.20 -5.88
N ARG F 108 7.60 37.85 -6.98
CA ARG F 108 8.19 37.04 -8.03
C ARG F 108 7.58 37.46 -9.37
N ALA F 109 8.39 37.37 -10.43
CA ALA F 109 7.88 37.63 -11.77
C ALA F 109 6.71 36.71 -12.08
N ASP F 110 5.59 37.30 -12.50
CA ASP F 110 4.34 36.58 -12.73
C ASP F 110 4.54 35.34 -13.58
N ALA F 111 4.45 34.16 -12.97
CA ALA F 111 4.62 32.90 -13.65
C ALA F 111 3.28 32.22 -13.89
N ALA F 112 3.19 31.45 -14.98
CA ALA F 112 1.99 30.74 -15.38
C ALA F 112 1.99 29.32 -14.82
N PRO F 113 0.83 28.78 -14.49
CA PRO F 113 0.78 27.43 -13.91
C PRO F 113 1.07 26.36 -14.95
N THR F 114 1.65 25.26 -14.47
CA THR F 114 1.94 24.09 -15.31
C THR F 114 0.81 23.10 -15.07
N VAL F 115 -0.26 23.24 -15.85
CA VAL F 115 -1.51 22.50 -15.59
C VAL F 115 -1.39 21.09 -16.14
N SER F 116 -1.73 20.11 -15.29
CA SER F 116 -1.81 18.71 -15.67
C SER F 116 -3.14 18.15 -15.20
N ILE F 117 -3.68 17.20 -15.96
CA ILE F 117 -4.97 16.58 -15.66
C ILE F 117 -4.79 15.07 -15.65
N PHE F 118 -5.54 14.40 -14.75
CA PHE F 118 -5.42 12.96 -14.57
C PHE F 118 -6.81 12.36 -14.35
N PRO F 119 -7.16 11.31 -15.09
CA PRO F 119 -8.45 10.65 -14.90
C PRO F 119 -8.37 9.67 -13.74
N PRO F 120 -9.51 9.16 -13.26
CA PRO F 120 -9.48 8.17 -12.18
C PRO F 120 -8.77 6.90 -12.61
N SER F 121 -8.29 6.17 -11.61
CA SER F 121 -7.59 4.91 -11.82
C SER F 121 -8.53 3.73 -11.63
N SER F 122 -8.08 2.56 -12.09
CA SER F 122 -8.89 1.36 -11.94
C SER F 122 -8.99 0.92 -10.49
N GLU F 123 -7.97 1.21 -9.69
CA GLU F 123 -8.01 0.88 -8.27
C GLU F 123 -9.20 1.57 -7.59
N GLN F 124 -9.36 2.87 -7.83
CA GLN F 124 -10.48 3.58 -7.23
C GLN F 124 -11.81 3.14 -7.82
N LEU F 125 -11.84 2.86 -9.13
CA LEU F 125 -13.05 2.38 -9.77
C LEU F 125 -13.49 1.01 -9.25
N THR F 126 -12.56 0.23 -8.68
CA THR F 126 -12.93 -1.05 -8.10
C THR F 126 -13.84 -0.86 -6.89
N SER F 127 -13.54 0.12 -6.04
CA SER F 127 -14.32 0.34 -4.82
C SER F 127 -15.60 1.13 -5.07
N GLY F 128 -15.75 1.76 -6.23
CA GLY F 128 -16.97 2.46 -6.57
C GLY F 128 -16.84 3.97 -6.67
N GLY F 129 -15.64 4.53 -6.52
CA GLY F 129 -15.42 5.96 -6.61
C GLY F 129 -14.61 6.32 -7.85
N ALA F 130 -14.53 7.63 -8.09
CA ALA F 130 -13.76 8.13 -9.23
C ALA F 130 -13.36 9.57 -8.94
N SER F 131 -12.06 9.82 -8.83
CA SER F 131 -11.54 11.15 -8.53
C SER F 131 -10.70 11.64 -9.70
N VAL F 132 -11.12 12.73 -10.31
CA VAL F 132 -10.35 13.39 -11.36
C VAL F 132 -9.45 14.42 -10.70
N VAL F 133 -8.18 14.44 -11.08
CA VAL F 133 -7.16 15.27 -10.44
C VAL F 133 -6.70 16.33 -11.43
N CYS F 134 -6.48 17.54 -10.91
CA CYS F 134 -5.92 18.63 -11.72
C CYS F 134 -4.85 19.32 -10.88
N PHE F 135 -3.60 19.26 -11.36
CA PHE F 135 -2.47 19.89 -10.71
C PHE F 135 -2.11 21.19 -11.41
N LEU F 136 -1.86 22.23 -10.63
CA LEU F 136 -1.47 23.55 -11.15
C LEU F 136 -0.19 23.93 -10.40
N ASN F 137 0.95 23.53 -10.92
CA ASN F 137 2.22 23.67 -10.22
C ASN F 137 2.97 24.90 -10.69
N ASN F 138 3.63 25.58 -9.74
CA ASN F 138 4.54 26.68 -10.00
C ASN F 138 3.88 27.84 -10.74
N PHE F 139 3.21 28.72 -10.01
CA PHE F 139 2.66 29.94 -10.59
C PHE F 139 2.72 31.05 -9.55
N TYR F 140 2.61 32.29 -10.04
CA TYR F 140 2.61 33.46 -9.18
C TYR F 140 1.74 34.52 -9.82
N PRO F 141 0.88 35.21 -9.04
CA PRO F 141 0.71 35.03 -7.60
C PRO F 141 -0.22 33.87 -7.24
N LYS F 142 -0.48 33.70 -5.93
CA LYS F 142 -1.35 32.63 -5.48
C LYS F 142 -2.78 32.81 -5.99
N ASP F 143 -3.19 34.06 -6.23
CA ASP F 143 -4.52 34.36 -6.74
C ASP F 143 -4.75 33.68 -8.09
N ILE F 144 -5.65 32.69 -8.11
CA ILE F 144 -5.91 31.91 -9.32
C ILE F 144 -7.28 31.28 -9.19
N ASN F 145 -7.92 31.05 -10.33
CA ASN F 145 -9.25 30.43 -10.36
C ASN F 145 -9.21 29.17 -11.21
N VAL F 146 -10.02 28.18 -10.82
CA VAL F 146 -10.13 26.93 -11.56
C VAL F 146 -11.60 26.53 -11.60
N LYS F 147 -12.00 25.94 -12.73
CA LYS F 147 -13.38 25.49 -12.90
C LYS F 147 -13.41 24.14 -13.60
N TRP F 148 -14.34 23.30 -13.16
CA TRP F 148 -14.53 21.95 -13.70
C TRP F 148 -15.76 21.94 -14.60
N LYS F 149 -15.59 21.41 -15.81
CA LYS F 149 -16.67 21.27 -16.77
C LYS F 149 -16.88 19.79 -17.06
N ILE F 150 -18.13 19.35 -17.00
CA ILE F 150 -18.53 18.01 -17.41
C ILE F 150 -19.36 18.17 -18.67
N ASP F 151 -18.81 17.67 -19.80
CA ASP F 151 -19.45 17.78 -21.11
C ASP F 151 -19.86 19.22 -21.42
N GLY F 152 -19.04 20.17 -20.99
CA GLY F 152 -19.27 21.57 -21.24
C GLY F 152 -20.04 22.31 -20.17
N SER F 153 -20.69 21.61 -19.25
CA SER F 153 -21.49 22.25 -18.21
C SER F 153 -20.68 22.30 -16.92
N GLU F 154 -20.58 23.49 -16.33
CA GLU F 154 -19.80 23.66 -15.11
C GLU F 154 -20.41 22.87 -13.96
N ARG F 155 -19.55 22.26 -13.15
CA ARG F 155 -19.98 21.54 -11.96
C ARG F 155 -19.36 22.19 -10.72
N GLN F 156 -20.11 22.21 -9.63
CA GLN F 156 -19.67 22.81 -8.38
C GLN F 156 -19.51 21.80 -7.24
N ASN F 157 -20.32 20.74 -7.21
CA ASN F 157 -20.26 19.77 -6.13
C ASN F 157 -19.11 18.80 -6.32
N GLY F 158 -18.53 18.36 -5.20
CA GLY F 158 -17.48 17.37 -5.20
C GLY F 158 -16.07 17.91 -5.39
N VAL F 159 -15.90 19.22 -5.53
CA VAL F 159 -14.59 19.81 -5.77
C VAL F 159 -13.90 20.05 -4.43
N LEU F 160 -12.65 19.62 -4.33
CA LEU F 160 -11.82 19.84 -3.15
C LEU F 160 -10.49 20.44 -3.61
N ASN F 161 -10.17 21.62 -3.09
CA ASN F 161 -8.97 22.34 -3.49
C ASN F 161 -8.00 22.42 -2.32
N SER F 162 -6.71 22.37 -2.65
CA SER F 162 -5.65 22.44 -1.65
C SER F 162 -4.48 23.24 -2.22
N TRP F 163 -4.07 24.27 -1.48
CA TRP F 163 -2.96 25.13 -1.88
C TRP F 163 -1.72 24.82 -1.06
N THR F 164 -0.56 24.97 -1.68
CA THR F 164 0.71 24.79 -0.99
C THR F 164 1.21 26.14 -0.47
N ASP F 165 2.10 26.07 0.53
CA ASP F 165 2.80 27.26 0.97
C ASP F 165 3.74 27.75 -0.13
N GLN F 166 4.16 29.01 0.00
CA GLN F 166 5.05 29.58 -1.00
C GLN F 166 6.39 28.84 -0.98
N ASP F 167 6.76 28.31 -2.15
CA ASP F 167 7.93 27.45 -2.25
C ASP F 167 9.20 28.18 -1.80
N SER F 168 10.12 27.43 -1.20
CA SER F 168 11.36 28.00 -0.71
C SER F 168 12.40 28.19 -1.81
N LYS F 169 12.18 27.64 -3.00
CA LYS F 169 13.14 27.78 -4.09
C LYS F 169 12.68 28.84 -5.08
N ASP F 170 11.79 28.47 -6.01
CA ASP F 170 11.32 29.39 -7.03
C ASP F 170 10.34 30.43 -6.50
N SER F 171 9.89 30.29 -5.25
CA SER F 171 8.99 31.25 -4.61
C SER F 171 7.68 31.39 -5.39
N THR F 172 7.08 30.25 -5.73
CA THR F 172 5.79 30.20 -6.40
C THR F 172 4.85 29.29 -5.63
N TYR F 173 3.61 29.23 -6.07
CA TYR F 173 2.56 28.45 -5.43
C TYR F 173 2.16 27.28 -6.31
N SER F 174 1.36 26.39 -5.73
CA SER F 174 0.84 25.23 -6.44
C SER F 174 -0.51 24.85 -5.84
N MET F 175 -1.39 24.31 -6.69
CA MET F 175 -2.74 23.98 -6.29
C MET F 175 -3.12 22.60 -6.79
N SER F 176 -3.95 21.90 -6.00
CA SER F 176 -4.49 20.60 -6.35
C SER F 176 -6.00 20.65 -6.26
N SER F 177 -6.67 20.28 -7.35
CA SER F 177 -8.12 20.28 -7.42
C SER F 177 -8.60 18.86 -7.73
N THR F 178 -9.39 18.30 -6.83
CA THR F 178 -9.89 16.93 -6.98
C THR F 178 -11.41 16.97 -7.09
N LEU F 179 -11.92 16.49 -8.22
CA LEU F 179 -13.36 16.32 -8.43
C LEU F 179 -13.70 14.86 -8.13
N THR F 180 -14.39 14.63 -7.02
CA THR F 180 -14.70 13.29 -6.56
C THR F 180 -16.17 12.99 -6.87
N LEU F 181 -16.41 11.90 -7.60
CA LEU F 181 -17.76 11.45 -7.92
C LEU F 181 -17.84 9.95 -7.68
N THR F 182 -19.05 9.42 -7.73
CA THR F 182 -19.22 7.98 -7.71
C THR F 182 -18.94 7.41 -9.10
N LYS F 183 -18.69 6.09 -9.13
CA LYS F 183 -18.41 5.43 -10.40
C LYS F 183 -19.59 5.56 -11.36
N ASP F 184 -20.82 5.55 -10.83
CA ASP F 184 -22.01 5.63 -11.67
C ASP F 184 -22.06 6.96 -12.42
N GLU F 185 -22.07 8.08 -11.68
CA GLU F 185 -22.15 9.38 -12.33
C GLU F 185 -20.90 9.70 -13.15
N TYR F 186 -19.77 9.06 -12.84
CA TYR F 186 -18.60 9.19 -13.71
C TYR F 186 -18.80 8.44 -15.02
N GLU F 187 -19.54 7.32 -14.98
CA GLU F 187 -19.82 6.53 -16.18
C GLU F 187 -21.04 7.03 -16.94
N ARG F 188 -21.35 8.32 -16.88
CA ARG F 188 -22.46 8.89 -17.62
C ARG F 188 -22.08 10.10 -18.47
N HIS F 189 -20.83 10.53 -18.44
CA HIS F 189 -20.36 11.63 -19.26
C HIS F 189 -18.98 11.29 -19.79
N ASN F 190 -18.62 11.92 -20.92
CA ASN F 190 -17.39 11.59 -21.63
C ASN F 190 -16.29 12.62 -21.45
N SER F 191 -16.60 13.90 -21.63
CA SER F 191 -15.59 14.96 -21.58
C SER F 191 -15.48 15.51 -20.17
N TYR F 192 -14.25 15.57 -19.65
CA TYR F 192 -13.97 16.19 -18.36
C TYR F 192 -12.91 17.26 -18.57
N THR F 193 -13.21 18.48 -18.13
CA THR F 193 -12.41 19.66 -18.44
C THR F 193 -12.02 20.37 -17.16
N CYS F 194 -10.74 20.71 -17.04
CA CYS F 194 -10.22 21.54 -15.95
C CYS F 194 -9.64 22.80 -16.60
N GLU F 195 -10.28 23.94 -16.37
CA GLU F 195 -9.83 25.19 -16.97
C GLU F 195 -9.42 26.16 -15.86
N ALA F 196 -8.23 26.74 -16.01
CA ALA F 196 -7.64 27.60 -15.01
C ALA F 196 -7.49 29.01 -15.56
N THR F 197 -8.09 29.97 -14.89
CA THR F 197 -7.94 31.38 -15.21
C THR F 197 -6.93 32.00 -14.25
N HIS F 198 -5.90 32.62 -14.80
CA HIS F 198 -4.83 33.22 -14.03
C HIS F 198 -4.47 34.56 -14.63
N LYS F 199 -3.75 35.38 -13.85
CA LYS F 199 -3.37 36.72 -14.29
C LYS F 199 -2.43 36.70 -15.48
N THR F 200 -1.70 35.61 -15.69
CA THR F 200 -0.68 35.59 -16.74
C THR F 200 -1.30 35.61 -18.13
N SER F 201 -2.52 35.08 -18.29
CA SER F 201 -3.15 34.98 -19.60
C SER F 201 -4.58 35.49 -19.52
N THR F 202 -5.02 36.16 -20.60
CA THR F 202 -6.39 36.63 -20.68
C THR F 202 -7.37 35.50 -20.99
N SER F 203 -6.87 34.38 -21.53
CA SER F 203 -7.65 33.20 -21.85
C SER F 203 -7.25 32.04 -20.94
N PRO F 204 -8.19 31.19 -20.54
CA PRO F 204 -7.87 30.14 -19.56
C PRO F 204 -7.01 29.04 -20.16
N ILE F 205 -6.18 28.45 -19.31
CA ILE F 205 -5.44 27.25 -19.66
C ILE F 205 -6.35 26.05 -19.44
N VAL F 206 -6.70 25.35 -20.51
CA VAL F 206 -7.70 24.31 -20.48
C VAL F 206 -7.03 22.96 -20.70
N LYS F 207 -7.33 21.99 -19.85
CA LYS F 207 -6.87 20.62 -20.02
C LYS F 207 -8.07 19.69 -19.87
N SER F 208 -8.34 18.91 -20.90
CA SER F 208 -9.52 18.04 -20.91
C SER F 208 -9.12 16.62 -21.28
N PHE F 209 -10.02 15.69 -21.00
CA PHE F 209 -9.84 14.32 -21.44
C PHE F 209 -11.21 13.68 -21.69
N ASN F 210 -11.23 12.79 -22.67
CA ASN F 210 -12.40 11.96 -22.95
C ASN F 210 -12.15 10.56 -22.40
N ARG F 211 -13.20 9.94 -21.87
CA ARG F 211 -13.05 8.65 -21.21
C ARG F 211 -12.52 7.58 -22.15
N ASN F 212 -12.77 7.72 -23.44
CA ASN F 212 -12.32 6.74 -24.43
C ASN F 212 -11.67 7.42 -25.63
#